data_6SG4
#
_entry.id   6SG4
#
_cell.length_a   40.309
_cell.length_b   137.853
_cell.length_c   109.774
_cell.angle_alpha   90.00
_cell.angle_beta   99.81
_cell.angle_gamma   90.00
#
_symmetry.space_group_name_H-M   'P 1 21 1'
#
loop_
_entity.id
_entity.type
_entity.pdbx_description
1 polymer 'Cyclin-dependent kinase 2'
2 polymer Cyclin-A2
3 water water
#
loop_
_entity_poly.entity_id
_entity_poly.type
_entity_poly.pdbx_seq_one_letter_code
_entity_poly.pdbx_strand_id
1 'polypeptide(L)'
;GPGSMENFQKVEKIGEGTYGVVYKARNKLTGEVVALKKIRLDTETEGVPSTAIREISLLKELNHPNIVKLLDVIHTENKL
YLVFEFLHQDLKKFMDASALTGIPLPLIKSYLFQLLQGLAFCHSHRVLHRDLKPQNLLINTEGAIKLADFGLARAFGVPV
RTY(TPO)HEVVTLWYRAPEILLGCKYYSTAVDIWSLGCIFAEMVTRRALFPGDSEIDQLFRIFRTLGTPDEVVWPGVTS
MPDYKPSFPKWARQDFSKVVPPLDEDGRSLLSQMLHYDPNKRISAKAALAHPFFQDVTKPVPHLRL
;
A,C
2 'polypeptide(L)'
;MEVPDYHEDIHTYLREMEVKCKPKVGYMKKQPDITNSMRAILVDWLVEVGEEYKLQNETLHLAVNYIDRFLSSQENVLRG
KLQLVGTAAMLLASKFEEIYPPEVAEFVYITDDTYTKKQVLRMEHLVLKVLTFDLAAPTVNQFLTQYFLHQQPANCKVES
LAMFLGELSLIDADPYLKYLPSVIAGAAFHLALYTVTGQSWPESLIRKTGYTLESLKPCLMDLHQTYLKAPQHAQQSIRE
KYKNSKYHGVSLLNPPETLNLLEHHHHHH
;
B,D
#
# COMPACT_ATOMS: atom_id res chain seq x y z
N GLU A 32 2.07 0.34 -12.92
CA GLU A 32 2.49 1.24 -11.80
C GLU A 32 1.41 2.31 -11.54
N VAL A 33 0.75 2.83 -12.58
CA VAL A 33 -0.30 3.90 -12.47
C VAL A 33 -1.59 3.25 -11.95
N VAL A 34 -2.01 3.61 -10.73
CA VAL A 34 -3.24 3.08 -10.07
C VAL A 34 -4.02 4.24 -9.44
N ALA A 35 -5.27 3.98 -9.08
CA ALA A 35 -6.13 4.87 -8.25
C ALA A 35 -6.10 4.34 -6.81
N LEU A 36 -5.88 5.22 -5.84
CA LEU A 36 -5.58 4.86 -4.44
C LEU A 36 -6.53 5.60 -3.49
N LYS A 37 -7.37 4.86 -2.78
CA LYS A 37 -8.31 5.37 -1.75
C LYS A 37 -7.61 5.25 -0.40
N LYS A 38 -7.41 6.38 0.30
CA LYS A 38 -6.72 6.46 1.62
C LYS A 38 -7.76 6.77 2.71
N ILE A 39 -8.24 5.74 3.42
CA ILE A 39 -9.21 5.84 4.55
C ILE A 39 -8.56 6.65 5.69
N THR A 45 -12.70 7.49 15.39
CA THR A 45 -12.65 7.02 16.80
C THR A 45 -13.53 5.77 17.00
N GLU A 46 -14.16 5.26 15.94
CA GLU A 46 -15.06 4.07 15.97
C GLU A 46 -14.40 2.90 15.23
N GLY A 47 -13.08 2.94 15.07
CA GLY A 47 -12.30 1.97 14.27
C GLY A 47 -12.62 2.07 12.79
N VAL A 48 -12.58 0.94 12.08
CA VAL A 48 -12.72 0.84 10.60
C VAL A 48 -14.17 1.15 10.23
N PRO A 49 -14.45 2.14 9.34
CA PRO A 49 -15.82 2.59 9.10
C PRO A 49 -16.56 1.50 8.30
N SER A 50 -17.88 1.42 8.52
CA SER A 50 -18.78 0.41 7.91
C SER A 50 -18.75 0.52 6.38
N THR A 51 -18.57 1.73 5.83
CA THR A 51 -18.54 1.94 4.36
C THR A 51 -17.35 1.15 3.78
N ALA A 52 -16.16 1.26 4.36
CA ALA A 52 -14.95 0.52 3.91
C ALA A 52 -15.11 -0.99 4.11
N ILE A 53 -15.64 -1.46 5.25
CA ILE A 53 -15.86 -2.90 5.51
C ILE A 53 -16.72 -3.49 4.39
N ARG A 54 -17.79 -2.80 4.01
CA ARG A 54 -18.74 -3.24 2.94
C ARG A 54 -18.07 -3.13 1.56
N GLU A 55 -17.40 -2.02 1.27
CA GLU A 55 -16.75 -1.78 -0.05
C GLU A 55 -15.77 -2.92 -0.36
N ILE A 56 -14.86 -3.23 0.55
CA ILE A 56 -13.77 -4.22 0.32
C ILE A 56 -14.36 -5.63 0.19
N SER A 57 -15.20 -6.05 1.14
CA SER A 57 -15.70 -7.45 1.27
C SER A 57 -16.57 -7.81 0.06
N LEU A 58 -17.36 -6.85 -0.44
CA LEU A 58 -18.27 -7.06 -1.60
C LEU A 58 -17.47 -6.93 -2.90
N LEU A 59 -16.69 -5.88 -3.04
CA LEU A 59 -15.98 -5.56 -4.31
C LEU A 59 -14.97 -6.66 -4.65
N LYS A 60 -14.44 -7.41 -3.68
CA LYS A 60 -13.40 -8.45 -3.95
C LYS A 60 -14.05 -9.76 -4.41
N GLU A 61 -15.39 -9.90 -4.30
CA GLU A 61 -16.16 -11.05 -4.84
C GLU A 61 -16.59 -10.76 -6.30
N LEU A 62 -16.62 -9.49 -6.71
CA LEU A 62 -17.15 -9.07 -8.04
C LEU A 62 -16.02 -8.99 -9.06
N ASN A 63 -15.93 -9.98 -9.94
CA ASN A 63 -14.91 -10.05 -11.03
C ASN A 63 -15.62 -10.09 -12.40
N HIS A 64 -15.69 -8.95 -13.08
CA HIS A 64 -16.48 -8.74 -14.33
C HIS A 64 -15.87 -7.59 -15.13
N PRO A 65 -15.83 -7.67 -16.48
CA PRO A 65 -15.21 -6.62 -17.29
C PRO A 65 -15.76 -5.19 -17.08
N ASN A 66 -16.94 -5.06 -16.46
CA ASN A 66 -17.71 -3.80 -16.32
C ASN A 66 -17.90 -3.44 -14.85
N ILE A 67 -17.05 -4.00 -13.97
CA ILE A 67 -16.96 -3.61 -12.54
C ILE A 67 -15.50 -3.26 -12.25
N VAL A 68 -15.26 -2.09 -11.65
CA VAL A 68 -13.85 -1.62 -11.44
C VAL A 68 -13.13 -2.68 -10.61
N LYS A 69 -11.87 -2.94 -10.94
CA LYS A 69 -11.03 -3.99 -10.31
C LYS A 69 -10.37 -3.41 -9.06
N LEU A 70 -10.58 -4.05 -7.92
CA LEU A 70 -9.82 -3.85 -6.68
C LEU A 70 -8.60 -4.78 -6.75
N LEU A 71 -7.43 -4.22 -7.04
CA LEU A 71 -6.19 -4.99 -7.30
C LEU A 71 -5.61 -5.51 -5.99
N ASP A 72 -5.79 -4.78 -4.90
CA ASP A 72 -5.06 -5.05 -3.64
C ASP A 72 -5.64 -4.23 -2.50
N VAL A 73 -5.48 -4.73 -1.27
CA VAL A 73 -5.82 -4.01 -0.01
C VAL A 73 -4.55 -3.95 0.85
N ILE A 74 -4.18 -2.76 1.32
CA ILE A 74 -2.97 -2.54 2.17
C ILE A 74 -3.44 -2.15 3.57
N HIS A 75 -3.23 -3.03 4.55
CA HIS A 75 -3.82 -2.94 5.91
C HIS A 75 -2.71 -3.02 6.95
N THR A 76 -2.53 -1.94 7.71
CA THR A 76 -1.66 -1.85 8.91
C THR A 76 -2.51 -1.23 10.03
N GLU A 77 -1.94 -1.11 11.24
CA GLU A 77 -2.68 -0.55 12.41
C GLU A 77 -3.06 0.91 12.11
N ASN A 78 -2.13 1.69 11.55
CA ASN A 78 -2.26 3.16 11.33
C ASN A 78 -3.09 3.48 10.08
N LYS A 79 -2.95 2.71 8.99
CA LYS A 79 -3.49 3.10 7.66
C LYS A 79 -4.07 1.88 6.95
N LEU A 80 -5.03 2.15 6.08
CA LEU A 80 -5.75 1.18 5.22
C LEU A 80 -5.92 1.80 3.82
N TYR A 81 -5.38 1.14 2.77
CA TYR A 81 -5.46 1.60 1.36
C TYR A 81 -6.20 0.56 0.51
N LEU A 82 -7.04 1.05 -0.41
CA LEU A 82 -7.64 0.29 -1.52
C LEU A 82 -6.93 0.70 -2.82
N VAL A 83 -6.27 -0.24 -3.49
CA VAL A 83 -5.59 -0.06 -4.81
C VAL A 83 -6.59 -0.49 -5.89
N PHE A 84 -7.08 0.45 -6.70
CA PHE A 84 -7.98 0.20 -7.85
C PHE A 84 -7.19 0.36 -9.15
N GLU A 85 -7.63 -0.33 -10.21
CA GLU A 85 -7.16 -0.12 -11.60
C GLU A 85 -7.39 1.35 -11.97
N PHE A 86 -6.50 1.93 -12.74
CA PHE A 86 -6.63 3.31 -13.25
C PHE A 86 -7.63 3.35 -14.41
N LEU A 87 -8.60 4.26 -14.35
CA LEU A 87 -9.52 4.54 -15.47
C LEU A 87 -9.54 6.05 -15.76
N HIS A 88 -9.39 6.36 -17.04
CA HIS A 88 -9.16 7.69 -17.65
C HIS A 88 -9.94 8.81 -16.94
N GLN A 89 -11.26 8.66 -16.80
CA GLN A 89 -12.23 9.77 -16.59
C GLN A 89 -13.57 9.18 -16.13
N ASP A 90 -14.42 9.96 -15.47
CA ASP A 90 -15.80 9.55 -15.08
C ASP A 90 -16.78 10.02 -16.18
N LEU A 91 -17.98 9.42 -16.25
CA LEU A 91 -19.03 9.73 -17.25
C LEU A 91 -19.47 11.21 -17.14
N LYS A 92 -19.41 11.82 -15.95
CA LYS A 92 -19.88 13.22 -15.75
C LYS A 92 -18.97 14.18 -16.50
N LYS A 93 -17.66 13.98 -16.38
CA LYS A 93 -16.64 14.83 -17.06
C LYS A 93 -16.69 14.59 -18.56
N PHE A 94 -17.04 13.38 -19.02
CA PHE A 94 -17.15 13.08 -20.48
C PHE A 94 -18.38 13.82 -21.03
N MET A 95 -19.52 13.76 -20.34
CA MET A 95 -20.79 14.41 -20.77
C MET A 95 -20.57 15.93 -20.90
N ASP A 96 -19.84 16.55 -19.97
CA ASP A 96 -19.47 18.00 -19.96
C ASP A 96 -18.58 18.36 -21.14
N ALA A 97 -17.62 17.50 -21.50
CA ALA A 97 -16.67 17.73 -22.60
C ALA A 97 -17.31 17.43 -23.96
N SER A 98 -18.53 16.87 -23.94
CA SER A 98 -19.29 16.39 -25.14
C SER A 98 -20.55 17.26 -25.34
N ALA A 99 -20.73 18.29 -24.52
CA ALA A 99 -22.01 19.03 -24.32
C ALA A 99 -22.47 19.75 -25.59
N LEU A 100 -21.57 20.11 -26.50
CA LEU A 100 -21.93 20.77 -27.78
C LEU A 100 -22.60 19.78 -28.74
N THR A 101 -22.04 18.57 -28.85
CA THR A 101 -22.46 17.53 -29.83
C THR A 101 -23.38 16.51 -29.15
N GLY A 102 -23.21 16.35 -27.84
CA GLY A 102 -23.71 15.18 -27.10
C GLY A 102 -22.85 13.96 -27.41
N ILE A 103 -23.09 12.88 -26.67
CA ILE A 103 -22.46 11.55 -26.88
C ILE A 103 -23.16 10.90 -28.07
N PRO A 104 -22.45 10.48 -29.13
CA PRO A 104 -23.09 9.84 -30.28
C PRO A 104 -24.02 8.70 -29.81
N LEU A 105 -25.16 8.52 -30.48
CA LEU A 105 -26.19 7.52 -30.12
C LEU A 105 -25.58 6.12 -30.05
N PRO A 106 -24.75 5.66 -31.02
CA PRO A 106 -24.14 4.33 -30.94
C PRO A 106 -23.33 4.08 -29.66
N LEU A 107 -22.58 5.10 -29.20
CA LEU A 107 -21.76 5.05 -27.97
C LEU A 107 -22.67 5.06 -26.73
N ILE A 108 -23.84 5.71 -26.79
CA ILE A 108 -24.85 5.68 -25.69
C ILE A 108 -25.41 4.25 -25.59
N LYS A 109 -25.64 3.59 -26.72
CA LYS A 109 -26.19 2.22 -26.77
C LYS A 109 -25.16 1.24 -26.19
N SER A 110 -23.90 1.37 -26.61
CA SER A 110 -22.74 0.60 -26.13
C SER A 110 -22.60 0.71 -24.61
N TYR A 111 -22.61 1.93 -24.07
CA TYR A 111 -22.43 2.21 -22.63
C TYR A 111 -23.60 1.62 -21.81
N LEU A 112 -24.84 1.76 -22.27
CA LEU A 112 -26.02 1.25 -21.51
C LEU A 112 -25.97 -0.28 -21.50
N PHE A 113 -25.68 -0.94 -22.64
CA PHE A 113 -25.51 -2.42 -22.74
C PHE A 113 -24.47 -2.93 -21.74
N GLN A 114 -23.33 -2.24 -21.62
CA GLN A 114 -22.22 -2.64 -20.69
C GLN A 114 -22.64 -2.46 -19.22
N LEU A 115 -23.32 -1.34 -18.91
CA LEU A 115 -23.73 -0.97 -17.52
C LEU A 115 -24.78 -1.98 -17.04
N LEU A 116 -25.73 -2.37 -17.88
CA LEU A 116 -26.74 -3.42 -17.56
C LEU A 116 -26.05 -4.78 -17.31
N GLN A 117 -24.98 -5.09 -18.04
CA GLN A 117 -24.20 -6.35 -17.84
C GLN A 117 -23.57 -6.32 -16.45
N GLY A 118 -22.91 -5.22 -16.08
CA GLY A 118 -22.26 -5.06 -14.76
C GLY A 118 -23.29 -5.12 -13.63
N LEU A 119 -24.40 -4.40 -13.78
CA LEU A 119 -25.52 -4.38 -12.80
C LEU A 119 -26.11 -5.78 -12.64
N ALA A 120 -26.38 -6.50 -13.74
CA ALA A 120 -26.89 -7.91 -13.72
C ALA A 120 -25.94 -8.78 -12.91
N PHE A 121 -24.62 -8.59 -13.05
CA PHE A 121 -23.61 -9.38 -12.32
C PHE A 121 -23.69 -9.05 -10.82
N CYS A 122 -23.83 -7.77 -10.47
CA CYS A 122 -24.02 -7.31 -9.07
C CYS A 122 -25.23 -8.01 -8.46
N HIS A 123 -26.40 -7.93 -9.10
CA HIS A 123 -27.68 -8.48 -8.57
C HIS A 123 -27.60 -10.01 -8.49
N SER A 124 -26.91 -10.67 -9.42
CA SER A 124 -26.67 -12.14 -9.42
C SER A 124 -25.82 -12.56 -8.23
N HIS A 125 -25.05 -11.63 -7.65
CA HIS A 125 -24.13 -11.88 -6.51
C HIS A 125 -24.63 -11.17 -5.24
N ARG A 126 -25.95 -11.04 -5.09
CA ARG A 126 -26.69 -10.47 -3.92
C ARG A 126 -26.07 -9.13 -3.49
N VAL A 127 -25.73 -8.25 -4.45
CA VAL A 127 -25.20 -6.88 -4.15
C VAL A 127 -26.13 -5.80 -4.75
N LEU A 128 -26.67 -4.90 -3.90
CA LEU A 128 -27.30 -3.62 -4.30
C LEU A 128 -26.21 -2.55 -4.30
N HIS A 129 -26.22 -1.64 -5.27
CA HIS A 129 -25.18 -0.61 -5.41
C HIS A 129 -25.59 0.64 -4.63
N ARG A 130 -26.79 1.20 -4.91
CA ARG A 130 -27.51 2.25 -4.13
C ARG A 130 -26.88 3.64 -4.28
N ASP A 131 -25.96 3.85 -5.22
CA ASP A 131 -25.49 5.22 -5.55
C ASP A 131 -25.02 5.28 -7.00
N LEU A 132 -25.78 4.69 -7.93
CA LEU A 132 -25.50 4.87 -9.38
C LEU A 132 -25.76 6.33 -9.76
N LYS A 133 -24.77 6.97 -10.37
CA LYS A 133 -24.84 8.37 -10.90
C LYS A 133 -23.59 8.59 -11.77
N PRO A 134 -23.60 9.55 -12.71
CA PRO A 134 -22.53 9.66 -13.71
C PRO A 134 -21.10 9.78 -13.15
N GLN A 135 -20.93 10.33 -11.94
CA GLN A 135 -19.60 10.55 -11.30
C GLN A 135 -19.00 9.22 -10.80
N ASN A 136 -19.83 8.19 -10.59
CA ASN A 136 -19.41 6.85 -10.10
C ASN A 136 -19.29 5.85 -11.26
N LEU A 137 -19.40 6.29 -12.52
CA LEU A 137 -19.23 5.40 -13.71
C LEU A 137 -17.94 5.81 -14.44
N LEU A 138 -16.95 4.92 -14.58
CA LEU A 138 -15.59 5.27 -15.11
C LEU A 138 -15.41 4.66 -16.51
N ILE A 139 -14.70 5.37 -17.39
CA ILE A 139 -14.48 4.97 -18.82
C ILE A 139 -12.98 4.94 -19.09
N ASN A 140 -12.53 4.06 -19.98
CA ASN A 140 -11.13 4.05 -20.53
C ASN A 140 -11.18 4.67 -21.93
N THR A 141 -10.05 4.67 -22.64
CA THR A 141 -9.92 5.23 -24.02
C THR A 141 -10.42 4.22 -25.06
N GLU A 142 -10.51 2.92 -24.71
CA GLU A 142 -10.83 1.81 -25.66
C GLU A 142 -12.35 1.58 -25.81
N GLY A 143 -13.20 2.28 -25.05
CA GLY A 143 -14.67 2.26 -25.26
C GLY A 143 -15.42 1.51 -24.17
N ALA A 144 -14.77 1.12 -23.08
CA ALA A 144 -15.40 0.38 -21.96
C ALA A 144 -15.95 1.37 -20.94
N ILE A 145 -16.93 0.94 -20.13
CA ILE A 145 -17.47 1.71 -18.96
C ILE A 145 -17.66 0.73 -17.80
N LYS A 146 -17.42 1.17 -16.57
CA LYS A 146 -17.47 0.27 -15.39
C LYS A 146 -18.14 0.95 -14.19
N LEU A 147 -18.90 0.19 -13.43
CA LEU A 147 -19.46 0.60 -12.11
C LEU A 147 -18.30 0.80 -11.13
N ALA A 148 -18.33 1.86 -10.32
CA ALA A 148 -17.38 2.11 -9.22
C ALA A 148 -18.12 2.74 -8.03
N ASP A 149 -17.36 3.08 -6.97
CA ASP A 149 -17.79 3.63 -5.66
C ASP A 149 -18.87 2.74 -5.03
N PHE A 150 -18.46 1.58 -4.53
CA PHE A 150 -19.29 0.58 -3.81
C PHE A 150 -19.27 0.88 -2.30
N GLY A 151 -19.06 2.14 -1.91
CA GLY A 151 -19.03 2.62 -0.51
C GLY A 151 -20.39 2.59 0.17
N LEU A 152 -21.48 2.69 -0.60
CA LEU A 152 -22.89 2.73 -0.10
C LEU A 152 -23.65 1.49 -0.57
N ALA A 153 -22.92 0.50 -1.08
CA ALA A 153 -23.42 -0.84 -1.46
C ALA A 153 -23.78 -1.60 -0.19
N ARG A 154 -24.52 -2.71 -0.32
CA ARG A 154 -24.77 -3.68 0.78
C ARG A 154 -25.22 -5.03 0.18
N ALA A 155 -24.98 -6.12 0.91
CA ALA A 155 -25.45 -7.48 0.54
C ALA A 155 -26.93 -7.60 0.94
N PHE A 156 -27.77 -8.13 0.05
CA PHE A 156 -29.24 -8.21 0.27
C PHE A 156 -29.60 -9.67 0.42
N GLY A 157 -30.74 -9.93 1.08
CA GLY A 157 -31.25 -11.29 1.35
C GLY A 157 -32.39 -11.65 0.41
N VAL A 158 -32.80 -12.92 0.45
CA VAL A 158 -33.90 -13.51 -0.36
C VAL A 158 -34.87 -14.17 0.63
N PRO A 159 -35.98 -13.51 1.06
CA PRO A 159 -36.34 -12.17 0.59
C PRO A 159 -35.60 -11.08 1.37
N VAL A 160 -35.77 -9.82 0.93
CA VAL A 160 -35.16 -8.63 1.58
C VAL A 160 -35.86 -8.28 2.90
N ARG A 161 -35.12 -7.70 3.84
CA ARG A 161 -35.64 -6.98 5.04
C ARG A 161 -35.69 -5.47 4.75
N THR A 162 -36.12 -4.68 5.74
CA THR A 162 -36.00 -3.20 5.77
C THR A 162 -34.51 -2.85 5.87
N TYR A 163 -34.02 -1.98 4.98
CA TYR A 163 -32.64 -1.43 4.97
C TYR A 163 -32.71 0.08 5.14
N TPO A 164 -31.52 0.70 5.24
CA TPO A 164 -31.36 2.13 5.50
CB TPO A 164 -29.89 2.53 5.27
CG2 TPO A 164 -29.58 3.96 5.67
OG1 TPO A 164 -29.07 1.65 6.11
P TPO A 164 -27.96 0.68 5.49
O1P TPO A 164 -26.99 1.59 4.76
O2P TPO A 164 -28.70 -0.24 4.54
O3P TPO A 164 -27.38 -0.04 6.68
C TPO A 164 -32.24 2.96 4.58
O TPO A 164 -32.25 2.76 3.37
N HIS A 165 -32.98 3.90 5.17
CA HIS A 165 -33.83 4.81 4.42
C HIS A 165 -32.97 5.93 3.82
N GLU A 166 -33.51 6.62 2.81
CA GLU A 166 -32.92 7.89 2.31
C GLU A 166 -31.50 7.59 1.81
N VAL A 167 -31.37 6.55 0.98
CA VAL A 167 -30.15 6.18 0.23
C VAL A 167 -30.28 6.73 -1.19
N VAL A 168 -29.18 6.74 -1.93
CA VAL A 168 -29.08 7.25 -3.34
C VAL A 168 -29.13 8.78 -3.33
N THR A 169 -28.23 9.40 -4.12
CA THR A 169 -28.24 10.86 -4.44
C THR A 169 -29.64 11.25 -4.92
N LEU A 170 -30.13 12.38 -4.44
CA LEU A 170 -31.55 12.84 -4.56
C LEU A 170 -32.03 12.68 -6.01
N TRP A 171 -31.25 13.16 -6.99
CA TRP A 171 -31.66 13.28 -8.41
C TRP A 171 -31.97 11.90 -9.01
N TYR A 172 -31.33 10.84 -8.49
CA TYR A 172 -31.35 9.46 -9.04
C TYR A 172 -32.15 8.49 -8.15
N ARG A 173 -32.90 9.01 -7.18
CA ARG A 173 -33.57 8.23 -6.11
C ARG A 173 -34.98 7.86 -6.57
N ALA A 174 -35.36 6.60 -6.39
CA ALA A 174 -36.60 5.99 -6.91
C ALA A 174 -37.79 6.39 -6.04
N PRO A 175 -39.02 6.38 -6.58
CA PRO A 175 -40.20 6.75 -5.79
C PRO A 175 -40.46 5.89 -4.54
N GLU A 176 -40.11 4.58 -4.56
CA GLU A 176 -40.28 3.66 -3.39
C GLU A 176 -39.63 4.26 -2.14
N ILE A 177 -38.44 4.83 -2.28
CA ILE A 177 -37.61 5.36 -1.16
C ILE A 177 -38.16 6.71 -0.71
N LEU A 178 -38.45 7.60 -1.67
CA LEU A 178 -39.06 8.93 -1.45
C LEU A 178 -40.36 8.76 -0.64
N LEU A 179 -41.20 7.78 -1.03
CA LEU A 179 -42.54 7.54 -0.43
C LEU A 179 -42.43 6.68 0.85
N GLY A 180 -41.22 6.25 1.22
CA GLY A 180 -40.90 5.66 2.54
C GLY A 180 -41.39 4.23 2.72
N CYS A 181 -41.32 3.40 1.68
CA CYS A 181 -41.86 2.01 1.67
C CYS A 181 -40.99 1.12 2.56
N LYS A 182 -41.61 0.11 3.18
CA LYS A 182 -40.96 -0.86 4.11
C LYS A 182 -39.77 -1.51 3.39
N TYR A 183 -39.97 -1.93 2.14
CA TYR A 183 -39.05 -2.81 1.36
C TYR A 183 -38.66 -2.13 0.05
N TYR A 184 -37.37 -2.21 -0.29
CA TYR A 184 -36.81 -1.90 -1.63
C TYR A 184 -35.66 -2.89 -1.89
N SER A 185 -35.40 -3.20 -3.16
CA SER A 185 -34.26 -4.04 -3.58
C SER A 185 -33.82 -3.62 -4.99
N THR A 186 -33.51 -4.59 -5.86
CA THR A 186 -32.74 -4.42 -7.13
C THR A 186 -33.30 -3.28 -7.98
N ALA A 187 -34.62 -3.12 -8.02
CA ALA A 187 -35.35 -2.08 -8.82
C ALA A 187 -34.78 -0.67 -8.61
N VAL A 188 -34.28 -0.33 -7.42
CA VAL A 188 -33.82 1.08 -7.16
C VAL A 188 -32.61 1.38 -8.05
N ASP A 189 -31.81 0.35 -8.39
CA ASP A 189 -30.59 0.49 -9.23
C ASP A 189 -31.02 0.69 -10.69
N ILE A 190 -32.10 0.03 -11.12
CA ILE A 190 -32.61 0.16 -12.52
C ILE A 190 -33.19 1.57 -12.70
N TRP A 191 -33.89 2.12 -11.70
CA TRP A 191 -34.39 3.52 -11.70
C TRP A 191 -33.20 4.43 -11.99
N SER A 192 -32.09 4.27 -11.27
CA SER A 192 -30.93 5.17 -11.36
C SER A 192 -30.36 5.12 -12.77
N LEU A 193 -30.29 3.93 -13.36
CA LEU A 193 -29.76 3.73 -14.73
C LEU A 193 -30.68 4.40 -15.76
N GLY A 194 -31.97 4.43 -15.50
CA GLY A 194 -32.97 5.04 -16.40
C GLY A 194 -32.76 6.55 -16.41
N CYS A 195 -32.55 7.14 -15.22
CA CYS A 195 -32.26 8.58 -15.07
C CYS A 195 -30.96 8.91 -15.82
N ILE A 196 -29.95 8.02 -15.77
CA ILE A 196 -28.62 8.21 -16.43
C ILE A 196 -28.74 8.06 -17.96
N PHE A 197 -29.52 7.08 -18.45
CA PHE A 197 -29.84 6.89 -19.90
C PHE A 197 -30.41 8.19 -20.46
N ALA A 198 -31.51 8.71 -19.89
CA ALA A 198 -32.16 9.95 -20.37
C ALA A 198 -31.17 11.12 -20.35
N GLU A 199 -30.33 11.20 -19.30
CA GLU A 199 -29.32 12.28 -19.10
C GLU A 199 -28.26 12.26 -20.21
N MET A 200 -27.84 11.07 -20.68
CA MET A 200 -26.88 10.94 -21.82
C MET A 200 -27.52 11.53 -23.08
N VAL A 201 -28.84 11.33 -23.28
CA VAL A 201 -29.59 11.66 -24.53
C VAL A 201 -29.93 13.16 -24.58
N THR A 202 -30.37 13.76 -23.47
CA THR A 202 -30.86 15.15 -23.38
C THR A 202 -29.76 16.11 -22.94
N ARG A 203 -28.69 15.62 -22.31
CA ARG A 203 -27.52 16.40 -21.84
C ARG A 203 -27.90 17.26 -20.62
N ARG A 204 -28.93 16.85 -19.88
CA ARG A 204 -29.31 17.48 -18.59
C ARG A 204 -29.93 16.41 -17.69
N ALA A 205 -29.80 16.58 -16.37
CA ALA A 205 -30.42 15.72 -15.35
C ALA A 205 -31.95 15.69 -15.57
N LEU A 206 -32.55 14.50 -15.57
CA LEU A 206 -34.00 14.30 -15.84
C LEU A 206 -34.86 14.88 -14.70
N PHE A 207 -34.51 14.62 -13.43
CA PHE A 207 -35.29 15.06 -12.23
C PHE A 207 -34.40 15.81 -11.24
N PRO A 208 -34.00 17.07 -11.53
CA PRO A 208 -33.12 17.85 -10.64
C PRO A 208 -33.78 18.54 -9.43
N GLY A 209 -34.24 17.77 -8.43
CA GLY A 209 -35.00 18.28 -7.27
C GLY A 209 -34.13 18.88 -6.18
N ASP A 210 -34.72 19.75 -5.35
CA ASP A 210 -34.05 20.52 -4.26
C ASP A 210 -34.36 19.92 -2.88
N SER A 211 -35.35 19.03 -2.77
CA SER A 211 -35.87 18.44 -1.51
C SER A 211 -36.63 17.16 -1.86
N GLU A 212 -36.99 16.36 -0.87
CA GLU A 212 -37.71 15.08 -1.11
C GLU A 212 -39.02 15.41 -1.84
N ILE A 213 -39.80 16.37 -1.32
CA ILE A 213 -41.16 16.72 -1.84
C ILE A 213 -41.10 17.44 -3.23
N ASP A 214 -39.96 18.15 -3.48
CA ASP A 214 -39.69 18.79 -4.81
C ASP A 214 -39.27 17.72 -5.84
N GLN A 215 -38.52 16.69 -5.42
CA GLN A 215 -38.09 15.57 -6.31
C GLN A 215 -39.34 14.80 -6.78
N LEU A 216 -40.25 14.45 -5.85
CA LEU A 216 -41.50 13.69 -6.13
C LEU A 216 -42.34 14.41 -7.18
N PHE A 217 -42.56 15.71 -6.99
CA PHE A 217 -43.42 16.55 -7.87
C PHE A 217 -42.81 16.57 -9.28
N ARG A 218 -41.49 16.74 -9.40
CA ARG A 218 -40.76 16.72 -10.69
C ARG A 218 -40.93 15.36 -11.38
N ILE A 219 -40.96 14.27 -10.62
CA ILE A 219 -41.20 12.90 -11.16
C ILE A 219 -42.65 12.82 -11.66
N PHE A 220 -43.62 13.33 -10.88
CA PHE A 220 -45.08 13.26 -11.17
C PHE A 220 -45.45 14.09 -12.40
N ARG A 221 -44.72 15.19 -12.67
CA ARG A 221 -44.98 16.10 -13.82
C ARG A 221 -44.64 15.42 -15.16
N THR A 222 -43.67 14.51 -15.19
CA THR A 222 -43.17 13.86 -16.42
C THR A 222 -43.90 12.53 -16.65
N LEU A 223 -44.07 11.72 -15.60
CA LEU A 223 -44.59 10.33 -15.71
C LEU A 223 -46.07 10.27 -15.26
N GLY A 224 -46.64 11.40 -14.86
CA GLY A 224 -48.03 11.51 -14.35
C GLY A 224 -48.08 11.20 -12.86
N THR A 225 -49.16 11.57 -12.18
CA THR A 225 -49.34 11.20 -10.75
C THR A 225 -49.75 9.73 -10.72
N PRO A 226 -49.05 8.87 -9.94
CA PRO A 226 -49.41 7.45 -9.85
C PRO A 226 -50.75 7.25 -9.12
N ASP A 227 -51.38 6.09 -9.31
CA ASP A 227 -52.64 5.68 -8.62
C ASP A 227 -52.61 4.16 -8.39
N GLU A 228 -53.71 3.60 -7.87
CA GLU A 228 -53.85 2.18 -7.47
C GLU A 228 -53.85 1.25 -8.69
N VAL A 229 -54.23 1.74 -9.88
CA VAL A 229 -54.30 0.93 -11.12
C VAL A 229 -52.87 0.63 -11.59
N VAL A 230 -52.06 1.69 -11.79
CA VAL A 230 -50.69 1.58 -12.36
C VAL A 230 -49.71 1.15 -11.25
N TRP A 231 -50.05 1.38 -9.98
CA TRP A 231 -49.17 1.04 -8.82
C TRP A 231 -50.01 0.65 -7.61
N PRO A 232 -50.48 -0.62 -7.54
CA PRO A 232 -51.28 -1.08 -6.39
C PRO A 232 -50.51 -0.91 -5.07
N GLY A 233 -51.18 -0.35 -4.04
CA GLY A 233 -50.62 -0.13 -2.69
C GLY A 233 -50.03 1.26 -2.49
N VAL A 234 -49.99 2.10 -3.53
CA VAL A 234 -49.31 3.43 -3.52
C VAL A 234 -49.93 4.35 -2.45
N THR A 235 -51.26 4.38 -2.31
CA THR A 235 -51.97 5.36 -1.42
C THR A 235 -51.93 4.89 0.05
N SER A 236 -51.30 3.74 0.33
CA SER A 236 -51.14 3.16 1.69
C SER A 236 -49.74 3.48 2.26
N MET A 237 -48.77 3.83 1.41
CA MET A 237 -47.35 4.02 1.83
C MET A 237 -47.21 5.21 2.76
N PRO A 238 -46.23 5.16 3.70
CA PRO A 238 -46.20 6.06 4.85
C PRO A 238 -46.17 7.56 4.52
N ASP A 239 -45.45 7.95 3.46
CA ASP A 239 -45.15 9.38 3.13
C ASP A 239 -46.03 9.85 1.96
N TYR A 240 -46.90 8.99 1.42
CA TYR A 240 -47.96 9.42 0.46
C TYR A 240 -48.99 10.29 1.20
N LYS A 241 -49.66 11.17 0.44
CA LYS A 241 -50.83 11.94 0.93
C LYS A 241 -51.82 12.13 -0.21
N PRO A 242 -53.13 12.14 0.10
CA PRO A 242 -54.19 12.25 -0.92
C PRO A 242 -54.22 13.63 -1.58
N SER A 243 -53.65 14.64 -0.90
CA SER A 243 -53.59 16.06 -1.34
C SER A 243 -52.59 16.28 -2.49
N PHE A 244 -51.71 15.32 -2.81
CA PHE A 244 -50.76 15.42 -3.96
C PHE A 244 -51.53 15.85 -5.22
N PRO A 245 -50.94 16.67 -6.12
CA PRO A 245 -51.63 17.09 -7.35
C PRO A 245 -51.62 15.95 -8.37
N LYS A 246 -52.55 15.97 -9.33
CA LYS A 246 -52.70 14.92 -10.38
C LYS A 246 -52.33 15.49 -11.74
N TRP A 247 -51.08 15.27 -12.18
CA TRP A 247 -50.59 15.61 -13.54
C TRP A 247 -50.85 14.43 -14.46
N ALA A 248 -51.22 14.70 -15.71
CA ALA A 248 -51.30 13.70 -16.79
C ALA A 248 -49.88 13.27 -17.15
N ARG A 249 -49.72 12.01 -17.57
CA ARG A 249 -48.46 11.49 -18.16
C ARG A 249 -48.18 12.22 -19.47
N GLN A 250 -46.90 12.44 -19.75
CA GLN A 250 -46.34 13.16 -20.92
C GLN A 250 -45.89 12.13 -21.97
N ASP A 251 -46.01 12.43 -23.26
CA ASP A 251 -45.45 11.58 -24.34
C ASP A 251 -43.92 11.60 -24.24
N PHE A 252 -43.27 10.43 -24.36
CA PHE A 252 -41.80 10.26 -24.26
C PHE A 252 -41.10 10.88 -25.47
N SER A 253 -41.82 11.03 -26.58
CA SER A 253 -41.37 11.78 -27.79
C SER A 253 -41.04 13.22 -27.42
N LYS A 254 -41.60 13.75 -26.33
CA LYS A 254 -41.29 15.12 -25.85
C LYS A 254 -40.20 15.09 -24.77
N VAL A 255 -40.18 14.05 -23.92
CA VAL A 255 -39.22 13.88 -22.80
C VAL A 255 -37.83 13.52 -23.38
N VAL A 256 -37.80 12.80 -24.51
CA VAL A 256 -36.58 12.21 -25.13
C VAL A 256 -36.65 12.31 -26.65
N PRO A 257 -36.57 13.52 -27.26
CA PRO A 257 -36.77 13.67 -28.70
C PRO A 257 -35.85 12.80 -29.57
N PRO A 258 -34.53 12.74 -29.32
CA PRO A 258 -33.63 12.00 -30.20
C PRO A 258 -33.88 10.49 -30.34
N LEU A 259 -34.57 9.84 -29.40
CA LEU A 259 -34.71 8.34 -29.37
C LEU A 259 -35.82 7.87 -30.32
N ASP A 260 -35.67 6.66 -30.83
CA ASP A 260 -36.64 5.92 -31.67
C ASP A 260 -37.62 5.17 -30.77
N GLU A 261 -38.57 4.43 -31.36
CA GLU A 261 -39.64 3.72 -30.61
C GLU A 261 -39.03 2.75 -29.59
N ASP A 262 -37.96 2.04 -29.97
CA ASP A 262 -37.30 0.99 -29.16
C ASP A 262 -36.67 1.60 -27.90
N GLY A 263 -36.06 2.77 -28.04
CA GLY A 263 -35.37 3.46 -26.93
C GLY A 263 -36.36 4.02 -25.91
N ARG A 264 -37.42 4.67 -26.39
CA ARG A 264 -38.54 5.16 -25.55
C ARG A 264 -39.14 3.96 -24.79
N SER A 265 -39.36 2.84 -25.47
CA SER A 265 -39.92 1.59 -24.89
C SER A 265 -39.05 1.09 -23.72
N LEU A 266 -37.73 1.09 -23.88
CA LEU A 266 -36.79 0.60 -22.86
C LEU A 266 -36.78 1.57 -21.68
N LEU A 267 -36.72 2.88 -21.96
CA LEU A 267 -36.63 3.92 -20.90
C LEU A 267 -37.89 3.84 -20.02
N SER A 268 -39.09 3.73 -20.62
CA SER A 268 -40.37 3.65 -19.89
C SER A 268 -40.46 2.36 -19.06
N GLN A 269 -39.81 1.27 -19.47
CA GLN A 269 -39.78 0.00 -18.69
C GLN A 269 -38.81 0.15 -17.51
N MET A 270 -37.73 0.93 -17.68
CA MET A 270 -36.74 1.18 -16.59
CA MET A 270 -36.74 1.18 -16.59
C MET A 270 -37.33 2.17 -15.58
N LEU A 271 -38.30 3.00 -15.99
CA LEU A 271 -38.91 4.04 -15.12
C LEU A 271 -40.36 3.69 -14.74
N HIS A 272 -40.73 2.41 -14.72
CA HIS A 272 -42.06 1.95 -14.24
C HIS A 272 -42.19 2.22 -12.73
N TYR A 273 -43.33 2.79 -12.31
CA TYR A 273 -43.62 3.16 -10.90
C TYR A 273 -43.57 1.91 -10.01
N ASP A 274 -44.23 0.83 -10.39
CA ASP A 274 -44.29 -0.43 -9.61
C ASP A 274 -42.93 -1.12 -9.67
N PRO A 275 -42.19 -1.28 -8.55
CA PRO A 275 -40.89 -1.92 -8.58
C PRO A 275 -40.96 -3.44 -8.89
N ASN A 276 -42.16 -4.02 -8.90
CA ASN A 276 -42.38 -5.46 -9.24
C ASN A 276 -42.48 -5.66 -10.75
N LYS A 277 -42.85 -4.60 -11.49
CA LYS A 277 -43.02 -4.63 -12.97
C LYS A 277 -41.85 -3.93 -13.67
N ARG A 278 -40.99 -3.23 -12.95
CA ARG A 278 -39.79 -2.56 -13.52
C ARG A 278 -38.85 -3.62 -14.10
N ILE A 279 -38.38 -3.44 -15.34
CA ILE A 279 -37.55 -4.46 -16.04
C ILE A 279 -36.29 -4.73 -15.19
N SER A 280 -35.80 -5.97 -15.22
CA SER A 280 -34.52 -6.38 -14.58
C SER A 280 -33.36 -6.01 -15.52
N ALA A 281 -32.16 -5.93 -14.98
CA ALA A 281 -30.91 -5.72 -15.75
C ALA A 281 -30.76 -6.83 -16.80
N LYS A 282 -31.00 -8.09 -16.41
CA LYS A 282 -30.89 -9.30 -17.28
C LYS A 282 -31.87 -9.23 -18.45
N ALA A 283 -33.14 -8.97 -18.18
CA ALA A 283 -34.21 -8.93 -19.19
C ALA A 283 -33.99 -7.73 -20.14
N ALA A 284 -33.47 -6.63 -19.62
CA ALA A 284 -33.20 -5.38 -20.38
C ALA A 284 -32.13 -5.65 -21.44
N LEU A 285 -31.18 -6.56 -21.17
CA LEU A 285 -30.10 -6.90 -22.13
C LEU A 285 -30.68 -7.46 -23.43
N ALA A 286 -31.87 -8.05 -23.37
CA ALA A 286 -32.51 -8.76 -24.53
C ALA A 286 -33.53 -7.86 -25.23
N HIS A 287 -33.62 -6.58 -24.88
CA HIS A 287 -34.58 -5.61 -25.47
C HIS A 287 -34.19 -5.33 -26.91
N PRO A 288 -35.17 -5.20 -27.83
CA PRO A 288 -34.88 -4.84 -29.21
C PRO A 288 -33.90 -3.67 -29.43
N PHE A 289 -33.79 -2.75 -28.48
CA PHE A 289 -32.92 -1.55 -28.60
C PHE A 289 -31.46 -1.98 -28.82
N PHE A 290 -31.03 -3.09 -28.22
CA PHE A 290 -29.62 -3.55 -28.27
C PHE A 290 -29.35 -4.48 -29.46
N GLN A 291 -30.32 -4.70 -30.36
CA GLN A 291 -30.20 -5.72 -31.45
C GLN A 291 -29.25 -5.27 -32.58
N ASP A 292 -28.51 -4.18 -32.42
CA ASP A 292 -27.50 -3.71 -33.42
C ASP A 292 -26.32 -3.07 -32.67
N VAL A 293 -26.04 -3.48 -31.45
CA VAL A 293 -25.06 -2.80 -30.56
C VAL A 293 -23.64 -3.05 -31.10
N THR A 294 -22.80 -2.03 -31.10
CA THR A 294 -21.36 -2.09 -31.46
C THR A 294 -20.56 -1.59 -30.24
N LYS A 295 -19.23 -1.46 -30.36
CA LYS A 295 -18.36 -0.90 -29.31
C LYS A 295 -17.52 0.22 -29.91
N PRO A 296 -18.06 1.44 -30.07
CA PRO A 296 -17.29 2.58 -30.56
C PRO A 296 -16.31 3.12 -29.50
N VAL A 297 -15.24 3.77 -29.95
CA VAL A 297 -14.16 4.42 -29.14
C VAL A 297 -14.58 5.87 -28.91
N PRO A 298 -14.54 6.40 -27.65
CA PRO A 298 -15.00 7.76 -27.38
C PRO A 298 -14.32 8.84 -28.27
N VAL B 3 -41.28 -15.24 -10.02
CA VAL B 3 -40.25 -14.85 -8.99
C VAL B 3 -39.14 -14.06 -9.67
N PRO B 4 -38.34 -13.25 -8.93
CA PRO B 4 -37.25 -12.48 -9.53
C PRO B 4 -36.23 -13.40 -10.23
N ASP B 5 -35.68 -12.94 -11.37
CA ASP B 5 -34.87 -13.76 -12.31
C ASP B 5 -33.41 -13.86 -11.87
N TYR B 6 -33.12 -13.63 -10.58
CA TYR B 6 -31.76 -13.74 -9.97
C TYR B 6 -31.76 -14.53 -8.65
N HIS B 7 -32.91 -15.01 -8.14
CA HIS B 7 -32.99 -15.87 -6.93
C HIS B 7 -32.20 -17.17 -7.15
N GLU B 8 -32.42 -17.83 -8.29
CA GLU B 8 -31.75 -19.08 -8.73
C GLU B 8 -30.23 -18.84 -8.69
N ASP B 9 -29.77 -17.82 -9.40
CA ASP B 9 -28.34 -17.44 -9.47
C ASP B 9 -27.77 -17.21 -8.06
N ILE B 10 -28.47 -16.50 -7.18
CA ILE B 10 -27.94 -16.14 -5.83
C ILE B 10 -27.73 -17.42 -5.02
N HIS B 11 -28.68 -18.36 -5.06
CA HIS B 11 -28.61 -19.68 -4.36
C HIS B 11 -27.38 -20.47 -4.84
N THR B 12 -27.19 -20.59 -6.15
CA THR B 12 -26.04 -21.28 -6.78
C THR B 12 -24.73 -20.65 -6.28
N TYR B 13 -24.68 -19.32 -6.21
CA TYR B 13 -23.47 -18.57 -5.79
C TYR B 13 -23.17 -18.81 -4.30
N LEU B 14 -24.20 -18.87 -3.45
CA LEU B 14 -24.04 -19.09 -1.99
C LEU B 14 -23.56 -20.52 -1.77
N ARG B 15 -24.14 -21.48 -2.50
CA ARG B 15 -23.73 -22.90 -2.47
C ARG B 15 -22.26 -23.03 -2.88
N GLU B 16 -21.79 -22.23 -3.82
CA GLU B 16 -20.35 -22.21 -4.21
C GLU B 16 -19.52 -21.64 -3.06
N MET B 17 -19.94 -20.52 -2.43
CA MET B 17 -19.07 -19.76 -1.47
C MET B 17 -19.10 -20.40 -0.07
N GLU B 18 -20.13 -21.17 0.31
CA GLU B 18 -20.21 -21.77 1.67
C GLU B 18 -19.09 -22.82 1.86
N VAL B 19 -18.52 -23.34 0.78
CA VAL B 19 -17.47 -24.39 0.78
C VAL B 19 -16.09 -23.75 1.09
N LYS B 20 -15.99 -22.42 1.10
CA LYS B 20 -14.70 -21.68 1.11
C LYS B 20 -14.42 -21.01 2.48
N CYS B 21 -15.43 -20.44 3.15
CA CYS B 21 -15.27 -19.71 4.46
C CYS B 21 -15.26 -20.73 5.62
N LYS B 22 -14.29 -21.65 5.63
CA LYS B 22 -14.40 -22.94 6.37
C LYS B 22 -13.33 -23.09 7.44
N PRO B 23 -13.73 -23.34 8.71
CA PRO B 23 -12.82 -23.79 9.76
C PRO B 23 -12.72 -25.32 9.80
N LYS B 24 -11.75 -25.86 10.52
CA LYS B 24 -11.46 -27.32 10.58
C LYS B 24 -12.26 -27.93 11.74
N VAL B 25 -12.81 -29.13 11.54
CA VAL B 25 -13.49 -29.91 12.61
C VAL B 25 -12.44 -30.27 13.68
N GLY B 26 -12.69 -29.92 14.95
CA GLY B 26 -11.76 -30.16 16.07
C GLY B 26 -10.49 -29.32 15.99
N TYR B 27 -10.60 -28.08 15.52
CA TYR B 27 -9.54 -27.03 15.61
C TYR B 27 -9.22 -26.75 17.08
N MET B 28 -10.20 -26.97 17.96
CA MET B 28 -10.12 -26.66 19.41
C MET B 28 -9.10 -27.58 20.08
N LYS B 29 -8.89 -28.78 19.56
CA LYS B 29 -7.86 -29.73 20.08
C LYS B 29 -6.45 -29.15 19.87
N LYS B 30 -6.24 -28.30 18.85
CA LYS B 30 -4.94 -27.62 18.57
C LYS B 30 -4.92 -26.22 19.19
N GLN B 31 -5.74 -26.00 20.22
CA GLN B 31 -5.86 -24.72 20.97
C GLN B 31 -5.79 -25.08 22.46
N PRO B 32 -4.59 -24.94 23.09
CA PRO B 32 -4.33 -25.61 24.38
C PRO B 32 -5.01 -25.00 25.61
N ASP B 33 -5.39 -23.72 25.57
CA ASP B 33 -5.87 -23.00 26.77
C ASP B 33 -7.39 -22.81 26.73
N ILE B 34 -8.07 -23.21 25.65
CA ILE B 34 -9.54 -23.00 25.49
C ILE B 34 -10.19 -24.29 24.98
N THR B 35 -11.52 -24.35 25.05
CA THR B 35 -12.34 -25.59 24.89
C THR B 35 -13.66 -25.28 24.17
N ASN B 36 -14.34 -26.34 23.70
CA ASN B 36 -15.71 -26.28 23.14
C ASN B 36 -16.67 -25.69 24.18
N SER B 37 -16.52 -26.03 25.46
CA SER B 37 -17.36 -25.55 26.58
C SER B 37 -17.22 -24.03 26.76
N MET B 38 -15.98 -23.52 26.76
CA MET B 38 -15.70 -22.06 26.87
C MET B 38 -16.31 -21.33 25.67
N ARG B 39 -16.30 -21.95 24.48
CA ARG B 39 -16.91 -21.43 23.21
C ARG B 39 -18.44 -21.43 23.33
N ALA B 40 -19.03 -22.52 23.83
CA ALA B 40 -20.48 -22.65 24.12
C ALA B 40 -20.93 -21.48 25.01
N ILE B 41 -20.17 -21.18 26.08
CA ILE B 41 -20.48 -20.07 27.02
C ILE B 41 -20.39 -18.73 26.27
N LEU B 42 -19.41 -18.57 25.37
CA LEU B 42 -19.16 -17.30 24.63
C LEU B 42 -20.36 -16.97 23.73
N VAL B 43 -20.83 -17.96 22.96
CA VAL B 43 -21.90 -17.81 21.93
C VAL B 43 -23.24 -17.54 22.64
N ASP B 44 -23.51 -18.26 23.73
CA ASP B 44 -24.75 -18.07 24.53
C ASP B 44 -24.77 -16.63 25.08
N TRP B 45 -23.61 -16.07 25.42
CA TRP B 45 -23.48 -14.66 25.84
C TRP B 45 -23.75 -13.71 24.66
N LEU B 46 -23.25 -14.01 23.45
CA LEU B 46 -23.52 -13.19 22.23
C LEU B 46 -25.03 -13.14 21.96
N VAL B 47 -25.74 -14.26 22.12
CA VAL B 47 -27.23 -14.30 21.98
C VAL B 47 -27.84 -13.21 22.87
N GLU B 48 -27.45 -13.16 24.15
CA GLU B 48 -27.98 -12.17 25.13
C GLU B 48 -27.68 -10.74 24.65
N VAL B 49 -26.45 -10.51 24.19
CA VAL B 49 -25.98 -9.21 23.63
C VAL B 49 -26.86 -8.83 22.43
N GLY B 50 -27.09 -9.77 21.51
CA GLY B 50 -28.12 -9.65 20.45
C GLY B 50 -29.42 -9.08 20.99
N GLU B 51 -30.01 -9.74 21.97
CA GLU B 51 -31.33 -9.38 22.56
C GLU B 51 -31.29 -8.00 23.23
N GLU B 52 -30.24 -7.69 24.01
CA GLU B 52 -30.12 -6.40 24.73
C GLU B 52 -30.20 -5.23 23.73
N TYR B 53 -29.45 -5.29 22.62
CA TYR B 53 -29.28 -4.20 21.62
C TYR B 53 -30.20 -4.36 20.39
N LYS B 54 -31.15 -5.30 20.41
CA LYS B 54 -32.19 -5.50 19.37
C LYS B 54 -31.54 -5.75 18.00
N LEU B 55 -30.48 -6.57 17.95
CA LEU B 55 -29.72 -6.86 16.71
C LEU B 55 -30.41 -7.99 15.94
N GLN B 56 -30.14 -8.07 14.63
CA GLN B 56 -30.75 -9.05 13.69
C GLN B 56 -30.13 -10.43 13.92
N ASN B 57 -30.89 -11.49 13.69
CA ASN B 57 -30.41 -12.88 13.78
C ASN B 57 -29.23 -13.06 12.79
N GLU B 58 -29.27 -12.46 11.61
CA GLU B 58 -28.16 -12.54 10.62
C GLU B 58 -26.85 -12.09 11.27
N THR B 59 -26.87 -10.98 12.02
CA THR B 59 -25.70 -10.41 12.75
C THR B 59 -25.09 -11.44 13.73
N LEU B 60 -25.90 -12.21 14.45
CA LEU B 60 -25.38 -13.25 15.37
C LEU B 60 -24.73 -14.38 14.55
N HIS B 61 -25.38 -14.83 13.47
CA HIS B 61 -24.87 -15.93 12.62
C HIS B 61 -23.49 -15.55 12.04
N LEU B 62 -23.33 -14.31 11.55
CA LEU B 62 -22.03 -13.86 10.97
C LEU B 62 -20.95 -13.87 12.06
N ALA B 63 -21.23 -13.33 13.25
CA ALA B 63 -20.22 -13.19 14.33
C ALA B 63 -19.65 -14.57 14.65
N VAL B 64 -20.50 -15.60 14.74
CA VAL B 64 -20.09 -17.00 15.05
C VAL B 64 -19.17 -17.50 13.94
N ASN B 65 -19.48 -17.18 12.68
CA ASN B 65 -18.67 -17.58 11.51
C ASN B 65 -17.26 -16.99 11.70
N TYR B 66 -17.20 -15.70 12.04
CA TYR B 66 -15.94 -14.94 12.24
C TYR B 66 -15.14 -15.58 13.38
N ILE B 67 -15.79 -15.98 14.47
CA ILE B 67 -15.10 -16.52 15.68
C ILE B 67 -14.45 -17.87 15.35
N ASP B 68 -15.15 -18.77 14.63
CA ASP B 68 -14.63 -20.12 14.30
C ASP B 68 -13.47 -20.03 13.30
N ARG B 69 -13.56 -19.13 12.32
CA ARG B 69 -12.48 -18.97 11.31
C ARG B 69 -11.24 -18.36 11.98
N PHE B 70 -11.44 -17.41 12.90
CA PHE B 70 -10.32 -16.74 13.63
C PHE B 70 -9.57 -17.78 14.48
N LEU B 71 -10.29 -18.54 15.31
CA LEU B 71 -9.71 -19.55 16.24
C LEU B 71 -9.13 -20.73 15.44
N SER B 72 -9.53 -20.93 14.18
CA SER B 72 -8.97 -21.97 13.29
C SER B 72 -7.58 -21.55 12.76
N SER B 73 -7.33 -20.24 12.65
CA SER B 73 -6.11 -19.66 12.03
C SER B 73 -5.05 -19.28 13.10
N GLN B 74 -5.40 -18.42 14.06
CA GLN B 74 -4.47 -17.97 15.14
C GLN B 74 -4.20 -19.12 16.13
N GLU B 75 -2.98 -19.19 16.65
CA GLU B 75 -2.55 -20.22 17.65
C GLU B 75 -2.49 -19.57 19.04
N ASN B 76 -2.76 -20.36 20.08
CA ASN B 76 -2.58 -20.02 21.52
C ASN B 76 -3.39 -18.78 21.89
N VAL B 77 -4.68 -18.75 21.53
CA VAL B 77 -5.63 -17.73 22.04
C VAL B 77 -5.88 -18.08 23.52
N LEU B 78 -5.55 -17.18 24.44
CA LEU B 78 -5.64 -17.42 25.90
C LEU B 78 -7.08 -17.14 26.36
N ARG B 79 -7.50 -17.75 27.48
CA ARG B 79 -8.91 -17.71 27.96
C ARG B 79 -9.33 -16.30 28.37
N GLY B 80 -8.41 -15.45 28.84
CA GLY B 80 -8.66 -14.04 29.19
C GLY B 80 -8.90 -13.12 27.98
N LYS B 81 -8.71 -13.62 26.75
CA LYS B 81 -8.90 -12.91 25.46
C LYS B 81 -10.16 -13.42 24.74
N LEU B 82 -10.68 -14.61 25.08
CA LEU B 82 -11.76 -15.26 24.28
C LEU B 82 -12.99 -14.36 24.20
N GLN B 83 -13.31 -13.63 25.28
CA GLN B 83 -14.48 -12.69 25.28
C GLN B 83 -14.19 -11.52 24.34
N LEU B 84 -12.92 -11.09 24.22
CA LEU B 84 -12.50 -9.91 23.41
C LEU B 84 -12.56 -10.25 21.92
N VAL B 85 -12.24 -11.50 21.57
CA VAL B 85 -12.43 -12.04 20.19
C VAL B 85 -13.93 -11.94 19.86
N GLY B 86 -14.79 -12.41 20.77
CA GLY B 86 -16.25 -12.42 20.59
C GLY B 86 -16.83 -11.03 20.37
N THR B 87 -16.40 -10.05 21.18
CA THR B 87 -16.86 -8.64 21.15
C THR B 87 -16.49 -8.03 19.79
N ALA B 88 -15.29 -8.31 19.30
CA ALA B 88 -14.76 -7.76 18.03
C ALA B 88 -15.51 -8.37 16.84
N ALA B 89 -15.82 -9.67 16.89
CA ALA B 89 -16.61 -10.39 15.86
C ALA B 89 -18.01 -9.77 15.74
N MET B 90 -18.66 -9.46 16.86
CA MET B 90 -20.04 -8.91 16.90
C MET B 90 -20.04 -7.45 16.43
N LEU B 91 -19.01 -6.68 16.75
CA LEU B 91 -18.83 -5.28 16.28
C LEU B 91 -18.70 -5.26 14.75
N LEU B 92 -17.87 -6.12 14.16
CA LEU B 92 -17.65 -6.19 12.69
C LEU B 92 -18.95 -6.62 12.00
N ALA B 93 -19.59 -7.67 12.49
CA ALA B 93 -20.86 -8.19 11.96
C ALA B 93 -21.92 -7.09 12.02
N SER B 94 -21.96 -6.33 13.12
CA SER B 94 -22.86 -5.15 13.28
C SER B 94 -22.59 -4.14 12.16
N LYS B 95 -21.34 -3.76 11.94
CA LYS B 95 -20.94 -2.79 10.89
C LYS B 95 -21.33 -3.33 9.51
N PHE B 96 -21.16 -4.63 9.25
CA PHE B 96 -21.49 -5.26 7.95
C PHE B 96 -23.01 -5.24 7.71
N GLU B 97 -23.82 -5.64 8.71
CA GLU B 97 -25.24 -6.10 8.53
C GLU B 97 -26.27 -5.11 9.08
N GLU B 98 -25.95 -4.26 10.06
CA GLU B 98 -26.98 -3.42 10.77
C GLU B 98 -27.10 -2.02 10.15
N ILE B 99 -28.31 -1.44 10.22
CA ILE B 99 -28.60 -0.03 9.86
C ILE B 99 -27.97 0.89 10.91
N TYR B 100 -28.17 0.58 12.21
CA TYR B 100 -27.70 1.38 13.37
C TYR B 100 -26.88 0.48 14.29
N PRO B 101 -25.57 0.26 14.00
CA PRO B 101 -24.73 -0.58 14.86
C PRO B 101 -24.48 0.12 16.19
N PRO B 102 -24.35 -0.63 17.31
CA PRO B 102 -24.04 0.01 18.59
C PRO B 102 -22.65 0.65 18.50
N GLU B 103 -22.42 1.72 19.27
CA GLU B 103 -21.11 2.43 19.33
C GLU B 103 -20.05 1.50 19.94
N VAL B 104 -18.78 1.81 19.70
CA VAL B 104 -17.64 1.07 20.34
C VAL B 104 -17.85 1.14 21.86
N ALA B 105 -18.31 2.28 22.38
CA ALA B 105 -18.51 2.51 23.83
C ALA B 105 -19.46 1.44 24.40
N GLU B 106 -20.48 1.03 23.64
CA GLU B 106 -21.47 -0.01 24.07
C GLU B 106 -20.79 -1.39 24.20
N PHE B 107 -19.83 -1.73 23.33
CA PHE B 107 -19.15 -3.05 23.33
C PHE B 107 -18.14 -3.09 24.49
N VAL B 108 -17.59 -1.94 24.87
CA VAL B 108 -16.75 -1.82 26.10
C VAL B 108 -17.65 -1.99 27.33
N TYR B 109 -18.84 -1.38 27.33
CA TYR B 109 -19.75 -1.30 28.52
C TYR B 109 -20.33 -2.68 28.85
N ILE B 110 -20.66 -3.53 27.85
CA ILE B 110 -21.24 -4.88 28.13
C ILE B 110 -20.17 -5.83 28.71
N THR B 111 -18.87 -5.52 28.55
CA THR B 111 -17.72 -6.30 29.11
C THR B 111 -17.32 -5.72 30.48
N ASP B 112 -18.09 -4.79 31.02
CA ASP B 112 -17.96 -4.25 32.42
C ASP B 112 -16.51 -3.84 32.68
N ASP B 113 -15.84 -3.28 31.66
CA ASP B 113 -14.51 -2.62 31.71
C ASP B 113 -13.37 -3.62 31.95
N THR B 114 -13.56 -4.89 31.59
CA THR B 114 -12.45 -5.87 31.48
C THR B 114 -11.44 -5.37 30.44
N TYR B 115 -11.93 -4.82 29.32
CA TYR B 115 -11.13 -4.35 28.16
C TYR B 115 -11.28 -2.83 27.99
N THR B 116 -10.20 -2.18 27.54
CA THR B 116 -10.18 -0.75 27.18
C THR B 116 -10.66 -0.60 25.74
N LYS B 117 -11.05 0.60 25.32
CA LYS B 117 -11.44 0.93 23.93
C LYS B 117 -10.29 0.60 22.97
N LYS B 118 -9.05 0.91 23.34
CA LYS B 118 -7.85 0.68 22.49
C LYS B 118 -7.64 -0.82 22.25
N GLN B 119 -7.93 -1.66 23.24
CA GLN B 119 -7.80 -3.15 23.14
C GLN B 119 -8.86 -3.73 22.19
N VAL B 120 -10.06 -3.15 22.12
CA VAL B 120 -11.18 -3.62 21.27
C VAL B 120 -10.90 -3.26 19.80
N LEU B 121 -10.37 -2.06 19.53
CA LEU B 121 -10.01 -1.61 18.15
C LEU B 121 -8.79 -2.39 17.64
N ARG B 122 -7.85 -2.78 18.51
CA ARG B 122 -6.68 -3.59 18.08
C ARG B 122 -7.15 -5.01 17.69
N MET B 123 -8.14 -5.55 18.40
CA MET B 123 -8.69 -6.90 18.12
C MET B 123 -9.50 -6.87 16.82
N GLU B 124 -10.19 -5.76 16.53
CA GLU B 124 -10.95 -5.56 15.26
C GLU B 124 -9.95 -5.59 14.10
N HIS B 125 -8.88 -4.79 14.18
CA HIS B 125 -7.76 -4.79 13.22
C HIS B 125 -7.24 -6.21 13.02
N LEU B 126 -7.08 -6.99 14.09
CA LEU B 126 -6.45 -8.34 14.05
C LEU B 126 -7.38 -9.36 13.37
N VAL B 127 -8.66 -9.36 13.71
CA VAL B 127 -9.71 -10.27 13.14
C VAL B 127 -9.81 -9.99 11.63
N LEU B 128 -9.83 -8.73 11.22
CA LEU B 128 -9.93 -8.32 9.79
C LEU B 128 -8.69 -8.81 9.03
N LYS B 129 -7.51 -8.76 9.65
CA LYS B 129 -6.24 -9.17 9.01
C LYS B 129 -6.27 -10.69 8.76
N VAL B 130 -6.75 -11.46 9.74
CA VAL B 130 -6.80 -12.96 9.68
C VAL B 130 -7.88 -13.41 8.67
N LEU B 131 -9.02 -12.71 8.57
CA LEU B 131 -10.14 -13.07 7.66
C LEU B 131 -9.92 -12.50 6.25
N THR B 132 -8.89 -11.66 6.06
CA THR B 132 -8.58 -10.90 4.82
C THR B 132 -9.84 -10.20 4.25
N PHE B 133 -10.65 -9.57 5.11
CA PHE B 133 -11.87 -8.78 4.78
C PHE B 133 -12.96 -9.61 4.09
N ASP B 134 -12.89 -10.94 4.13
CA ASP B 134 -13.93 -11.84 3.57
C ASP B 134 -15.06 -11.96 4.61
N LEU B 135 -15.90 -10.94 4.71
CA LEU B 135 -16.90 -10.82 5.81
C LEU B 135 -18.30 -11.23 5.33
N ALA B 136 -18.50 -11.37 4.02
CA ALA B 136 -19.83 -11.59 3.39
C ALA B 136 -20.11 -13.09 3.28
N ALA B 137 -20.12 -13.78 4.41
CA ALA B 137 -20.18 -15.25 4.53
C ALA B 137 -21.62 -15.74 4.53
N PRO B 138 -21.91 -16.81 3.76
CA PRO B 138 -23.17 -17.55 3.86
C PRO B 138 -23.42 -18.11 5.27
N THR B 139 -24.67 -17.99 5.74
CA THR B 139 -25.14 -18.47 7.07
C THR B 139 -26.31 -19.41 6.85
N VAL B 140 -26.66 -20.14 7.90
CA VAL B 140 -27.86 -21.01 7.99
C VAL B 140 -29.09 -20.13 7.78
N ASN B 141 -29.09 -18.96 8.44
CA ASN B 141 -30.18 -17.96 8.35
C ASN B 141 -30.51 -17.63 6.88
N GLN B 142 -29.49 -17.38 6.04
CA GLN B 142 -29.67 -16.99 4.62
C GLN B 142 -30.33 -18.13 3.85
N PHE B 143 -29.98 -19.38 4.13
CA PHE B 143 -30.57 -20.55 3.43
C PHE B 143 -32.03 -20.77 3.89
N LEU B 144 -32.29 -20.70 5.20
CA LEU B 144 -33.65 -20.86 5.79
C LEU B 144 -34.63 -19.89 5.13
N THR B 145 -34.23 -18.62 5.08
CA THR B 145 -34.97 -17.48 4.49
C THR B 145 -35.38 -17.81 3.05
N GLN B 146 -34.50 -18.44 2.27
CA GLN B 146 -34.78 -18.87 0.88
C GLN B 146 -35.74 -20.07 0.88
N TYR B 147 -35.56 -21.01 1.81
CA TYR B 147 -36.36 -22.27 1.86
C TYR B 147 -37.81 -21.93 2.25
N PHE B 148 -38.00 -20.94 3.15
CA PHE B 148 -39.31 -20.48 3.70
C PHE B 148 -40.29 -20.07 2.60
N LEU B 149 -39.78 -19.58 1.46
CA LEU B 149 -40.61 -19.15 0.30
C LEU B 149 -41.32 -20.34 -0.35
N HIS B 150 -40.86 -21.57 -0.09
CA HIS B 150 -41.44 -22.82 -0.66
C HIS B 150 -42.62 -23.31 0.20
N GLN B 151 -42.89 -22.62 1.31
CA GLN B 151 -44.16 -22.74 2.08
C GLN B 151 -45.24 -21.88 1.41
N GLN B 152 -46.30 -22.51 0.89
CA GLN B 152 -47.47 -21.79 0.33
C GLN B 152 -48.76 -22.39 0.90
N PRO B 153 -49.53 -21.63 1.72
CA PRO B 153 -49.18 -20.27 2.10
C PRO B 153 -48.10 -20.21 3.18
N ALA B 154 -47.69 -19.00 3.57
CA ALA B 154 -46.56 -18.71 4.48
C ALA B 154 -46.96 -19.06 5.93
N ASN B 155 -46.11 -19.81 6.64
CA ASN B 155 -46.37 -20.28 8.03
C ASN B 155 -45.25 -19.76 8.94
N CYS B 156 -45.54 -18.72 9.72
CA CYS B 156 -44.54 -17.97 10.54
C CYS B 156 -44.23 -18.75 11.82
N LYS B 157 -45.14 -19.63 12.27
CA LYS B 157 -44.89 -20.54 13.42
C LYS B 157 -43.77 -21.52 13.03
N VAL B 158 -43.82 -22.08 11.82
CA VAL B 158 -42.78 -23.03 11.30
C VAL B 158 -41.44 -22.27 11.16
N GLU B 159 -41.46 -21.09 10.54
CA GLU B 159 -40.28 -20.19 10.41
C GLU B 159 -39.58 -20.00 11.77
N SER B 160 -40.34 -19.72 12.83
CA SER B 160 -39.84 -19.45 14.20
C SER B 160 -39.16 -20.70 14.79
N LEU B 161 -39.77 -21.87 14.70
CA LEU B 161 -39.15 -23.14 15.19
C LEU B 161 -37.89 -23.43 14.35
N ALA B 162 -37.93 -23.18 13.04
CA ALA B 162 -36.79 -23.44 12.12
C ALA B 162 -35.59 -22.57 12.55
N MET B 163 -35.84 -21.30 12.87
CA MET B 163 -34.79 -20.33 13.27
C MET B 163 -34.19 -20.73 14.62
N PHE B 164 -35.06 -21.09 15.58
CA PHE B 164 -34.69 -21.59 16.93
C PHE B 164 -33.71 -22.78 16.84
N LEU B 165 -33.99 -23.76 15.96
CA LEU B 165 -33.17 -25.01 15.83
C LEU B 165 -31.83 -24.67 15.20
N GLY B 166 -31.82 -23.80 14.18
CA GLY B 166 -30.59 -23.31 13.54
C GLY B 166 -29.74 -22.56 14.55
N GLU B 167 -30.38 -21.78 15.42
CA GLU B 167 -29.69 -21.00 16.48
C GLU B 167 -29.06 -21.98 17.49
N LEU B 168 -29.78 -23.02 17.92
CA LEU B 168 -29.23 -24.03 18.88
C LEU B 168 -27.92 -24.63 18.33
N SER B 169 -27.76 -24.75 17.00
CA SER B 169 -26.60 -25.43 16.35
C SER B 169 -25.32 -24.57 16.44
N LEU B 170 -25.44 -23.26 16.65
CA LEU B 170 -24.27 -22.35 16.83
C LEU B 170 -23.52 -22.66 18.13
N ILE B 171 -24.23 -23.15 19.15
CA ILE B 171 -23.72 -23.35 20.54
C ILE B 171 -22.67 -24.47 20.56
N ASP B 172 -22.87 -25.55 19.80
CA ASP B 172 -22.15 -26.85 19.95
C ASP B 172 -21.24 -27.13 18.74
N ALA B 173 -19.97 -26.72 18.81
CA ALA B 173 -18.92 -26.99 17.79
C ALA B 173 -18.88 -28.48 17.42
N ASP B 174 -18.88 -29.37 18.41
CA ASP B 174 -19.15 -30.81 18.22
C ASP B 174 -20.64 -31.01 18.49
N PRO B 175 -21.45 -31.47 17.51
CA PRO B 175 -21.00 -31.85 16.17
C PRO B 175 -21.16 -30.92 14.95
N TYR B 176 -21.65 -29.68 15.09
CA TYR B 176 -22.20 -28.91 13.93
C TYR B 176 -21.09 -28.33 13.00
N LEU B 177 -19.82 -28.37 13.38
CA LEU B 177 -18.70 -27.98 12.47
C LEU B 177 -18.61 -28.95 11.29
N LYS B 178 -19.05 -30.20 11.46
CA LYS B 178 -19.03 -31.25 10.42
C LYS B 178 -19.95 -30.92 9.23
N TYR B 179 -20.92 -30.01 9.37
CA TYR B 179 -22.03 -29.80 8.39
C TYR B 179 -21.99 -28.38 7.79
N LEU B 180 -22.30 -28.27 6.49
CA LEU B 180 -22.44 -26.97 5.77
C LEU B 180 -23.75 -26.31 6.16
N PRO B 181 -23.78 -24.96 6.20
CA PRO B 181 -24.98 -24.18 6.51
C PRO B 181 -26.25 -24.54 5.74
N SER B 182 -26.10 -24.86 4.45
CA SER B 182 -27.19 -25.27 3.54
C SER B 182 -27.83 -26.58 4.04
N VAL B 183 -27.01 -27.51 4.56
CA VAL B 183 -27.44 -28.83 5.12
C VAL B 183 -28.11 -28.62 6.50
N ILE B 184 -27.58 -27.74 7.34
CA ILE B 184 -28.16 -27.46 8.68
C ILE B 184 -29.51 -26.75 8.51
N ALA B 185 -29.65 -25.90 7.50
CA ALA B 185 -30.92 -25.19 7.20
C ALA B 185 -31.95 -26.21 6.73
N GLY B 186 -31.57 -27.10 5.82
CA GLY B 186 -32.41 -28.21 5.32
C GLY B 186 -33.01 -29.02 6.45
N ALA B 187 -32.17 -29.50 7.36
CA ALA B 187 -32.53 -30.35 8.53
C ALA B 187 -33.43 -29.58 9.51
N ALA B 188 -33.11 -28.31 9.79
CA ALA B 188 -33.90 -27.42 10.67
C ALA B 188 -35.29 -27.18 10.09
N PHE B 189 -35.40 -26.98 8.77
CA PHE B 189 -36.68 -26.64 8.11
C PHE B 189 -37.61 -27.85 8.16
N HIS B 190 -37.11 -29.02 7.76
CA HIS B 190 -37.85 -30.31 7.84
C HIS B 190 -38.32 -30.58 9.28
N LEU B 191 -37.44 -30.43 10.28
CA LEU B 191 -37.75 -30.81 11.69
C LEU B 191 -38.82 -29.85 12.27
N ALA B 192 -38.82 -28.58 11.88
CA ALA B 192 -39.83 -27.57 12.26
C ALA B 192 -41.16 -27.90 11.58
N LEU B 193 -41.13 -28.13 10.28
CA LEU B 193 -42.28 -28.58 9.45
C LEU B 193 -42.94 -29.79 10.12
N TYR B 194 -42.16 -30.85 10.37
CA TYR B 194 -42.65 -32.15 10.92
C TYR B 194 -43.26 -31.93 12.32
N THR B 195 -42.62 -31.13 13.19
CA THR B 195 -43.08 -30.88 14.58
C THR B 195 -44.45 -30.16 14.53
N VAL B 196 -44.51 -29.00 13.87
CA VAL B 196 -45.66 -28.05 13.95
C VAL B 196 -46.83 -28.55 13.10
N THR B 197 -46.54 -29.19 11.96
CA THR B 197 -47.47 -29.35 10.80
C THR B 197 -47.64 -30.82 10.37
N GLY B 198 -46.67 -31.70 10.66
CA GLY B 198 -46.73 -33.13 10.27
C GLY B 198 -46.20 -33.39 8.87
N GLN B 199 -45.70 -32.36 8.18
CA GLN B 199 -45.24 -32.44 6.76
C GLN B 199 -43.72 -32.72 6.71
N SER B 200 -43.17 -32.82 5.50
CA SER B 200 -41.76 -33.20 5.23
C SER B 200 -41.12 -32.20 4.24
N TRP B 201 -39.79 -32.17 4.22
CA TRP B 201 -38.92 -31.57 3.17
C TRP B 201 -39.61 -31.64 1.81
N PRO B 202 -40.14 -30.53 1.27
CA PRO B 202 -40.95 -30.59 0.06
C PRO B 202 -40.16 -30.92 -1.22
N GLU B 203 -40.88 -31.44 -2.21
CA GLU B 203 -40.35 -31.85 -3.53
C GLU B 203 -39.77 -30.64 -4.27
N SER B 204 -40.36 -29.46 -4.13
CA SER B 204 -39.89 -28.19 -4.78
C SER B 204 -38.48 -27.84 -4.28
N LEU B 205 -38.15 -28.21 -3.03
CA LEU B 205 -36.82 -27.98 -2.40
C LEU B 205 -35.86 -29.14 -2.71
N ILE B 206 -36.35 -30.34 -3.03
CA ILE B 206 -35.48 -31.46 -3.46
C ILE B 206 -34.84 -31.08 -4.81
N ARG B 207 -35.60 -30.47 -5.73
CA ARG B 207 -35.10 -30.07 -7.07
C ARG B 207 -34.18 -28.85 -6.93
N LYS B 208 -34.56 -27.85 -6.13
CA LYS B 208 -33.81 -26.59 -5.92
C LYS B 208 -32.43 -26.87 -5.32
N THR B 209 -32.36 -27.66 -4.24
CA THR B 209 -31.12 -27.90 -3.44
C THR B 209 -30.35 -29.12 -3.97
N GLY B 210 -31.04 -30.10 -4.54
CA GLY B 210 -30.47 -31.42 -4.91
C GLY B 210 -30.35 -32.37 -3.72
N TYR B 211 -30.82 -31.98 -2.53
CA TYR B 211 -30.75 -32.77 -1.28
C TYR B 211 -32.03 -33.59 -1.11
N THR B 212 -31.92 -34.92 -1.02
CA THR B 212 -33.06 -35.81 -0.69
C THR B 212 -33.22 -35.82 0.84
N LEU B 213 -34.33 -36.34 1.34
CA LEU B 213 -34.54 -36.50 2.80
C LEU B 213 -33.43 -37.40 3.36
N GLU B 214 -33.01 -38.41 2.57
CA GLU B 214 -31.98 -39.41 2.91
C GLU B 214 -30.61 -38.73 3.11
N SER B 215 -30.28 -37.72 2.31
CA SER B 215 -28.98 -37.01 2.37
C SER B 215 -28.94 -36.07 3.60
N LEU B 216 -30.11 -35.63 4.09
CA LEU B 216 -30.21 -34.74 5.29
C LEU B 216 -30.15 -35.55 6.59
N LYS B 217 -30.24 -36.88 6.52
CA LYS B 217 -30.53 -37.77 7.69
C LYS B 217 -29.43 -37.67 8.75
N PRO B 218 -28.12 -37.82 8.44
CA PRO B 218 -27.08 -37.62 9.45
C PRO B 218 -27.29 -36.34 10.28
N CYS B 219 -27.41 -35.17 9.65
CA CYS B 219 -27.57 -33.87 10.34
C CYS B 219 -28.89 -33.84 11.13
N LEU B 220 -29.95 -34.40 10.56
CA LEU B 220 -31.33 -34.39 11.15
C LEU B 220 -31.38 -35.22 12.46
N MET B 221 -30.59 -36.29 12.55
CA MET B 221 -30.51 -37.16 13.76
C MET B 221 -29.73 -36.44 14.87
N ASP B 222 -28.71 -35.65 14.53
CA ASP B 222 -27.92 -34.83 15.48
C ASP B 222 -28.81 -33.69 16.01
N LEU B 223 -29.60 -33.07 15.14
CA LEU B 223 -30.47 -31.92 15.50
C LEU B 223 -31.65 -32.40 16.37
N HIS B 224 -32.21 -33.58 16.06
CA HIS B 224 -33.29 -34.18 16.86
C HIS B 224 -32.82 -34.38 18.31
N GLN B 225 -31.59 -34.88 18.53
CA GLN B 225 -30.99 -35.08 19.88
C GLN B 225 -30.77 -33.72 20.57
N THR B 226 -30.26 -32.72 19.85
CA THR B 226 -30.07 -31.35 20.40
C THR B 226 -31.43 -30.84 20.93
N TYR B 227 -32.52 -31.08 20.20
CA TYR B 227 -33.89 -30.56 20.47
C TYR B 227 -34.48 -31.22 21.73
N LEU B 228 -34.43 -32.56 21.78
CA LEU B 228 -34.88 -33.41 22.91
C LEU B 228 -34.15 -33.01 24.21
N LYS B 229 -32.88 -32.65 24.11
CA LYS B 229 -31.94 -32.53 25.25
C LYS B 229 -31.78 -31.07 25.68
N ALA B 230 -32.43 -30.14 24.97
CA ALA B 230 -32.28 -28.66 25.09
C ALA B 230 -32.67 -28.14 26.46
N PRO B 231 -33.77 -28.63 27.10
CA PRO B 231 -34.11 -28.20 28.45
C PRO B 231 -33.06 -28.48 29.54
N GLN B 232 -32.13 -29.42 29.31
CA GLN B 232 -31.08 -29.87 30.27
C GLN B 232 -29.71 -29.22 29.97
N HIS B 233 -29.55 -28.56 28.81
CA HIS B 233 -28.26 -27.95 28.37
C HIS B 233 -27.87 -26.86 29.36
N ALA B 234 -26.57 -26.60 29.54
CA ALA B 234 -26.03 -25.62 30.51
C ALA B 234 -26.29 -24.19 30.02
N GLN B 235 -26.28 -23.98 28.70
CA GLN B 235 -26.54 -22.68 28.00
C GLN B 235 -28.04 -22.61 27.66
N GLN B 236 -28.74 -21.55 28.07
CA GLN B 236 -30.24 -21.50 28.06
C GLN B 236 -30.77 -20.18 27.48
N SER B 237 -29.92 -19.34 26.87
CA SER B 237 -30.31 -17.98 26.41
C SER B 237 -31.22 -18.07 25.17
N ILE B 238 -30.99 -19.05 24.29
CA ILE B 238 -31.78 -19.24 23.04
C ILE B 238 -33.20 -19.69 23.41
N ARG B 239 -33.35 -20.63 24.35
CA ARG B 239 -34.66 -21.17 24.78
C ARG B 239 -35.50 -20.04 25.41
N GLU B 240 -34.84 -19.15 26.17
CA GLU B 240 -35.49 -17.98 26.82
C GLU B 240 -35.93 -16.96 25.76
N LYS B 241 -35.09 -16.69 24.76
CA LYS B 241 -35.35 -15.71 23.67
C LYS B 241 -36.59 -16.12 22.87
N TYR B 242 -36.71 -17.41 22.54
CA TYR B 242 -37.77 -17.97 21.65
C TYR B 242 -38.97 -18.45 22.47
N LYS B 243 -39.07 -18.01 23.73
CA LYS B 243 -40.32 -18.06 24.53
C LYS B 243 -41.24 -16.91 24.13
N ASN B 244 -40.66 -15.78 23.69
CA ASN B 244 -41.39 -14.50 23.41
C ASN B 244 -42.49 -14.77 22.37
N SER B 245 -43.59 -14.00 22.46
CA SER B 245 -44.73 -14.03 21.49
C SER B 245 -44.26 -13.59 20.09
N LYS B 246 -43.19 -12.80 19.99
CA LYS B 246 -42.55 -12.41 18.70
C LYS B 246 -42.21 -13.70 17.92
N TYR B 247 -41.90 -14.79 18.63
CA TYR B 247 -41.49 -16.09 18.04
C TYR B 247 -42.54 -17.17 18.33
N HIS B 248 -43.77 -16.77 18.68
CA HIS B 248 -44.97 -17.63 18.83
C HIS B 248 -44.74 -18.71 19.90
N GLY B 249 -43.83 -18.49 20.84
CA GLY B 249 -43.50 -19.42 21.95
C GLY B 249 -43.13 -20.82 21.47
N VAL B 250 -42.31 -20.94 20.41
CA VAL B 250 -41.95 -22.26 19.80
C VAL B 250 -41.03 -23.06 20.73
N SER B 251 -40.20 -22.43 21.57
CA SER B 251 -39.25 -23.16 22.46
C SER B 251 -39.99 -23.90 23.58
N LEU B 252 -41.30 -23.62 23.81
CA LEU B 252 -42.17 -24.30 24.82
C LEU B 252 -42.88 -25.52 24.22
N LEU B 253 -42.90 -25.69 22.88
CA LEU B 253 -43.54 -26.82 22.17
C LEU B 253 -42.86 -28.15 22.54
N ASN B 254 -43.63 -29.22 22.70
CA ASN B 254 -43.13 -30.60 22.90
C ASN B 254 -42.46 -31.06 21.61
N PRO B 255 -41.16 -31.48 21.66
CA PRO B 255 -40.51 -32.02 20.47
C PRO B 255 -41.12 -33.39 20.15
N PRO B 256 -41.02 -33.87 18.90
CA PRO B 256 -41.52 -35.21 18.57
C PRO B 256 -40.56 -36.24 19.20
N GLU B 257 -41.10 -37.31 19.76
CA GLU B 257 -40.32 -38.38 20.44
C GLU B 257 -39.60 -39.24 19.40
N THR B 258 -40.10 -39.28 18.15
CA THR B 258 -39.53 -40.07 17.03
C THR B 258 -39.65 -39.29 15.72
N LEU B 259 -38.77 -39.58 14.75
CA LEU B 259 -38.83 -39.05 13.35
C LEU B 259 -39.27 -40.16 12.38
N ASN B 260 -38.86 -41.41 12.63
CA ASN B 260 -39.01 -42.61 11.74
C ASN B 260 -37.67 -42.89 11.05
N VAL C 33 -7.34 9.13 -5.34
CA VAL C 33 -6.31 9.98 -6.05
C VAL C 33 -5.34 9.08 -6.82
N VAL C 34 -4.85 9.57 -7.97
CA VAL C 34 -3.99 8.80 -8.92
C VAL C 34 -2.56 8.87 -8.43
N ALA C 35 -1.85 7.74 -8.46
CA ALA C 35 -0.46 7.58 -7.94
C ALA C 35 0.32 6.65 -8.88
N LEU C 36 1.65 6.76 -8.87
CA LEU C 36 2.62 5.76 -9.40
C LEU C 36 2.91 4.81 -8.24
N LYS C 37 2.98 3.50 -8.47
CA LYS C 37 3.01 2.52 -7.36
C LYS C 37 3.86 1.28 -7.71
N LYS C 38 4.74 0.87 -6.79
CA LYS C 38 5.75 -0.22 -6.95
C LYS C 38 5.60 -1.25 -5.83
N ILE C 39 5.53 -2.54 -6.20
CA ILE C 39 5.39 -3.68 -5.26
C ILE C 39 6.61 -4.62 -5.41
N ARG C 40 6.65 -5.72 -4.65
CA ARG C 40 7.71 -6.76 -4.75
C ARG C 40 7.31 -8.03 -3.97
N GLY C 47 16.63 -11.53 0.74
CA GLY C 47 15.66 -10.73 1.50
C GLY C 47 15.14 -9.54 0.69
N VAL C 48 14.83 -8.42 1.36
CA VAL C 48 14.40 -7.15 0.70
C VAL C 48 15.60 -6.58 -0.08
N PRO C 49 15.42 -6.22 -1.37
CA PRO C 49 16.54 -5.95 -2.27
C PRO C 49 17.32 -4.67 -1.97
N SER C 50 18.62 -4.66 -2.30
CA SER C 50 19.54 -3.50 -2.06
C SER C 50 19.00 -2.25 -2.76
N THR C 51 18.39 -2.41 -3.96
CA THR C 51 17.84 -1.29 -4.78
C THR C 51 16.74 -0.58 -3.99
N ALA C 52 15.90 -1.33 -3.27
CA ALA C 52 14.75 -0.79 -2.52
C ALA C 52 15.24 -0.11 -1.23
N ILE C 53 16.26 -0.69 -0.57
CA ILE C 53 16.92 -0.12 0.64
C ILE C 53 17.51 1.26 0.31
N ARG C 54 18.25 1.35 -0.81
CA ARG C 54 18.86 2.63 -1.29
C ARG C 54 17.75 3.61 -1.72
N GLU C 55 16.83 3.19 -2.59
CA GLU C 55 15.79 4.07 -3.18
C GLU C 55 14.98 4.74 -2.06
N ILE C 56 14.47 3.98 -1.09
CA ILE C 56 13.62 4.49 0.02
C ILE C 56 14.46 5.39 0.93
N SER C 57 15.58 4.88 1.47
CA SER C 57 16.42 5.57 2.49
C SER C 57 16.88 6.94 2.00
N LEU C 58 17.25 7.05 0.73
CA LEU C 58 17.82 8.29 0.12
C LEU C 58 16.69 9.23 -0.31
N LEU C 59 15.67 8.71 -0.99
CA LEU C 59 14.59 9.55 -1.58
C LEU C 59 13.83 10.26 -0.45
N LYS C 60 13.70 9.63 0.72
CA LYS C 60 12.88 10.20 1.82
C LYS C 60 13.60 11.37 2.51
N GLU C 61 14.88 11.63 2.17
CA GLU C 61 15.68 12.80 2.62
C GLU C 61 15.65 13.91 1.56
N LEU C 62 15.38 13.55 0.31
CA LEU C 62 15.39 14.47 -0.87
C LEU C 62 13.99 15.06 -1.07
N ASN C 63 13.71 16.17 -0.40
CA ASN C 63 12.45 16.95 -0.56
C ASN C 63 12.74 18.21 -1.37
N HIS C 64 12.45 18.20 -2.68
CA HIS C 64 12.72 19.32 -3.62
C HIS C 64 11.71 19.28 -4.76
N PRO C 65 11.17 20.43 -5.21
CA PRO C 65 10.15 20.45 -6.26
C PRO C 65 10.52 19.80 -7.60
N ASN C 66 11.80 19.55 -7.87
CA ASN C 66 12.29 18.96 -9.14
C ASN C 66 12.76 17.52 -8.89
N ILE C 67 12.38 16.93 -7.76
CA ILE C 67 12.61 15.48 -7.48
C ILE C 67 11.26 14.86 -7.16
N VAL C 68 10.90 13.76 -7.82
CA VAL C 68 9.67 12.96 -7.59
C VAL C 68 9.45 12.79 -6.09
N LYS C 69 8.26 13.12 -5.60
CA LYS C 69 7.88 12.98 -4.17
C LYS C 69 7.51 11.52 -3.88
N LEU C 70 8.20 10.91 -2.91
CA LEU C 70 7.80 9.63 -2.26
C LEU C 70 6.77 9.96 -1.18
N LEU C 71 5.49 9.75 -1.47
CA LEU C 71 4.36 10.14 -0.58
C LEU C 71 4.34 9.24 0.67
N ASP C 72 4.60 7.95 0.50
CA ASP C 72 4.38 6.94 1.58
C ASP C 72 5.12 5.64 1.27
N VAL C 73 5.44 4.88 2.31
CA VAL C 73 6.06 3.53 2.25
C VAL C 73 5.25 2.62 3.18
N ILE C 74 4.62 1.56 2.66
CA ILE C 74 3.92 0.56 3.52
C ILE C 74 4.61 -0.79 3.40
N HIS C 75 5.01 -1.31 4.55
CA HIS C 75 5.85 -2.51 4.72
C HIS C 75 5.00 -3.55 5.47
N THR C 76 4.89 -4.78 4.96
CA THR C 76 4.25 -5.92 5.69
C THR C 76 5.25 -7.07 5.73
N GLU C 77 4.89 -8.18 6.41
CA GLU C 77 5.74 -9.40 6.50
C GLU C 77 5.63 -10.21 5.19
N ASN C 78 5.25 -9.56 4.08
CA ASN C 78 4.88 -10.22 2.79
C ASN C 78 5.13 -9.28 1.60
N LYS C 79 4.63 -8.05 1.68
CA LYS C 79 4.71 -7.05 0.59
C LYS C 79 5.37 -5.75 1.10
N LEU C 80 6.10 -5.07 0.21
CA LEU C 80 6.69 -3.72 0.44
C LEU C 80 6.22 -2.80 -0.69
N TYR C 81 5.54 -1.70 -0.33
CA TYR C 81 4.84 -0.75 -1.24
C TYR C 81 5.52 0.63 -1.19
N LEU C 82 5.93 1.13 -2.36
CA LEU C 82 6.45 2.50 -2.56
C LEU C 82 5.42 3.32 -3.35
N VAL C 83 4.85 4.36 -2.74
CA VAL C 83 3.79 5.24 -3.31
C VAL C 83 4.42 6.58 -3.71
N PHE C 84 4.48 6.89 -5.01
CA PHE C 84 5.04 8.13 -5.60
C PHE C 84 3.91 9.01 -6.15
N GLU C 85 4.17 10.32 -6.28
CA GLU C 85 3.25 11.30 -6.91
C GLU C 85 3.12 10.94 -8.40
N PHE C 86 1.91 11.09 -8.95
CA PHE C 86 1.63 10.79 -10.37
C PHE C 86 2.14 11.93 -11.26
N LEU C 87 2.89 11.56 -12.31
CA LEU C 87 3.40 12.49 -13.33
C LEU C 87 3.10 11.93 -14.73
N HIS C 88 2.19 12.61 -15.42
CA HIS C 88 1.77 12.47 -16.85
C HIS C 88 2.63 11.48 -17.65
N GLN C 89 3.86 11.85 -18.05
CA GLN C 89 4.70 11.02 -18.96
C GLN C 89 6.20 11.34 -18.83
N ASP C 90 7.04 10.40 -19.28
CA ASP C 90 8.53 10.49 -19.28
C ASP C 90 8.99 11.34 -20.47
N LEU C 91 10.22 11.85 -20.42
CA LEU C 91 10.80 12.77 -21.43
C LEU C 91 10.98 12.04 -22.77
N LYS C 92 11.27 10.75 -22.72
CA LYS C 92 11.46 9.88 -23.92
C LYS C 92 10.17 9.85 -24.74
N LYS C 93 9.01 9.71 -24.09
CA LYS C 93 7.68 9.64 -24.76
C LYS C 93 7.26 11.04 -25.25
N PHE C 94 7.66 12.11 -24.58
CA PHE C 94 7.38 13.51 -25.00
C PHE C 94 8.20 13.84 -26.24
N MET C 95 9.46 13.38 -26.30
CA MET C 95 10.41 13.68 -27.40
C MET C 95 9.91 13.06 -28.72
N ASP C 96 9.57 11.76 -28.69
CA ASP C 96 8.98 11.01 -29.83
C ASP C 96 7.67 11.68 -30.30
N ALA C 97 6.79 12.05 -29.37
CA ALA C 97 5.50 12.73 -29.66
C ALA C 97 5.72 14.18 -30.12
N SER C 98 6.97 14.66 -30.04
CA SER C 98 7.40 16.02 -30.46
C SER C 98 8.34 15.93 -31.67
N ALA C 99 8.40 14.77 -32.35
CA ALA C 99 9.34 14.48 -33.46
C ALA C 99 9.05 15.39 -34.66
N LEU C 100 7.80 15.83 -34.82
CA LEU C 100 7.34 16.68 -35.95
C LEU C 100 8.02 18.06 -35.89
N THR C 101 7.93 18.74 -34.74
CA THR C 101 8.40 20.15 -34.53
C THR C 101 9.70 20.20 -33.69
N GLY C 102 10.02 19.14 -32.94
CA GLY C 102 11.04 19.19 -31.88
C GLY C 102 10.59 20.06 -30.72
N ILE C 103 11.02 19.73 -29.50
CA ILE C 103 10.69 20.49 -28.26
C ILE C 103 11.23 21.90 -28.41
N PRO C 104 10.39 22.97 -28.37
CA PRO C 104 10.87 24.34 -28.59
C PRO C 104 11.92 24.77 -27.56
N LEU C 105 12.81 25.70 -27.94
CA LEU C 105 14.00 26.12 -27.14
C LEU C 105 13.58 26.70 -25.78
N PRO C 106 12.58 27.62 -25.69
CA PRO C 106 12.21 28.20 -24.40
C PRO C 106 11.90 27.10 -23.37
N LEU C 107 11.23 26.02 -23.82
CA LEU C 107 10.87 24.86 -22.97
C LEU C 107 12.11 23.99 -22.68
N ILE C 108 13.05 23.85 -23.63
CA ILE C 108 14.35 23.14 -23.44
C ILE C 108 15.16 23.85 -22.33
N LYS C 109 15.32 25.17 -22.43
CA LYS C 109 15.99 26.03 -21.42
C LYS C 109 15.33 25.82 -20.05
N SER C 110 13.99 25.87 -19.97
CA SER C 110 13.23 25.69 -18.71
C SER C 110 13.57 24.33 -18.09
N TYR C 111 13.46 23.27 -18.88
CA TYR C 111 13.65 21.86 -18.44
C TYR C 111 15.07 21.66 -17.92
N LEU C 112 16.08 22.12 -18.67
CA LEU C 112 17.50 21.95 -18.27
C LEU C 112 17.76 22.72 -16.96
N PHE C 113 17.21 23.92 -16.83
CA PHE C 113 17.29 24.79 -15.62
C PHE C 113 16.75 24.04 -14.38
N GLN C 114 15.62 23.36 -14.52
CA GLN C 114 14.92 22.67 -13.39
C GLN C 114 15.68 21.39 -13.04
N LEU C 115 16.07 20.63 -14.06
CA LEU C 115 16.89 19.39 -13.91
C LEU C 115 18.19 19.70 -13.16
N LEU C 116 18.86 20.80 -13.47
CA LEU C 116 20.12 21.20 -12.81
C LEU C 116 19.84 21.61 -11.35
N GLN C 117 18.67 22.19 -11.06
CA GLN C 117 18.25 22.52 -9.67
C GLN C 117 18.06 21.22 -8.88
N GLY C 118 17.42 20.21 -9.46
CA GLY C 118 17.21 18.92 -8.77
C GLY C 118 18.53 18.21 -8.52
N LEU C 119 19.40 18.21 -9.53
CA LEU C 119 20.72 17.54 -9.46
C LEU C 119 21.56 18.24 -8.40
N ALA C 120 21.65 19.58 -8.45
CA ALA C 120 22.41 20.39 -7.48
C ALA C 120 21.99 19.96 -6.09
N PHE C 121 20.67 19.80 -5.87
CA PHE C 121 20.10 19.40 -4.56
C PHE C 121 20.61 18.00 -4.18
N CYS C 122 20.54 17.02 -5.08
CA CYS C 122 21.03 15.63 -4.85
C CYS C 122 22.49 15.64 -4.36
N HIS C 123 23.40 16.19 -5.16
CA HIS C 123 24.87 16.20 -4.92
C HIS C 123 25.18 16.91 -3.59
N SER C 124 24.31 17.79 -3.15
CA SER C 124 24.48 18.68 -1.97
C SER C 124 24.02 17.95 -0.69
N HIS C 125 23.29 16.83 -0.86
CA HIS C 125 22.89 15.86 0.20
C HIS C 125 23.58 14.51 -0.07
N ARG C 126 24.80 14.57 -0.61
CA ARG C 126 25.74 13.45 -0.96
C ARG C 126 24.98 12.27 -1.58
N VAL C 127 24.29 12.49 -2.70
CA VAL C 127 23.61 11.42 -3.49
C VAL C 127 24.04 11.53 -4.96
N LEU C 128 24.47 10.41 -5.56
CA LEU C 128 24.66 10.23 -7.02
C LEU C 128 23.44 9.51 -7.56
N HIS C 129 22.84 10.01 -8.66
CA HIS C 129 21.71 9.33 -9.34
C HIS C 129 22.24 8.08 -10.04
N ARG C 130 23.10 8.27 -11.05
CA ARG C 130 23.91 7.23 -11.77
C ARG C 130 23.08 6.49 -12.83
N ASP C 131 21.87 6.95 -13.13
CA ASP C 131 21.04 6.40 -14.25
C ASP C 131 20.13 7.51 -14.78
N LEU C 132 20.69 8.68 -15.09
CA LEU C 132 19.96 9.77 -15.79
C LEU C 132 19.76 9.39 -17.26
N LYS C 133 18.52 9.24 -17.69
CA LYS C 133 18.11 9.07 -19.11
C LYS C 133 16.70 9.62 -19.28
N PRO C 134 16.24 9.91 -20.52
CA PRO C 134 14.90 10.45 -20.74
C PRO C 134 13.73 9.64 -20.15
N GLN C 135 13.90 8.32 -20.00
CA GLN C 135 12.89 7.38 -19.44
C GLN C 135 12.74 7.58 -17.91
N ASN C 136 13.70 8.24 -17.25
CA ASN C 136 13.72 8.47 -15.77
C ASN C 136 13.53 9.96 -15.43
N LEU C 137 13.15 10.80 -16.40
CA LEU C 137 12.77 12.22 -16.16
C LEU C 137 11.27 12.38 -16.50
N LEU C 138 10.44 12.72 -15.51
CA LEU C 138 8.95 12.77 -15.62
C LEU C 138 8.45 14.21 -15.65
N ILE C 139 7.47 14.51 -16.50
CA ILE C 139 6.88 15.86 -16.72
C ILE C 139 5.38 15.85 -16.39
N ASN C 140 4.86 16.98 -15.91
CA ASN C 140 3.41 17.23 -15.65
C ASN C 140 2.88 18.16 -16.76
N THR C 141 1.58 18.50 -16.71
CA THR C 141 0.91 19.40 -17.67
C THR C 141 1.32 20.85 -17.37
N GLU C 142 1.67 21.18 -16.13
CA GLU C 142 1.85 22.58 -15.64
C GLU C 142 3.21 23.16 -16.03
N GLY C 143 4.14 22.35 -16.58
CA GLY C 143 5.44 22.81 -17.12
C GLY C 143 6.66 22.36 -16.30
N ALA C 144 6.46 21.50 -15.29
CA ALA C 144 7.54 21.02 -14.39
C ALA C 144 8.23 19.76 -14.97
N ILE C 145 9.49 19.54 -14.63
CA ILE C 145 10.20 18.25 -14.91
C ILE C 145 10.88 17.80 -13.62
N LYS C 146 11.04 16.49 -13.40
CA LYS C 146 11.55 15.93 -12.12
C LYS C 146 12.41 14.68 -12.34
N LEU C 147 13.50 14.53 -11.58
CA LEU C 147 14.31 13.28 -11.50
C LEU C 147 13.49 12.18 -10.80
N ALA C 148 13.48 10.97 -11.36
CA ALA C 148 12.79 9.78 -10.83
C ALA C 148 13.69 8.54 -10.94
N ASP C 149 13.24 7.39 -10.42
CA ASP C 149 13.96 6.09 -10.40
C ASP C 149 15.34 6.27 -9.75
N PHE C 150 15.40 6.24 -8.42
CA PHE C 150 16.64 6.30 -7.62
C PHE C 150 17.11 4.87 -7.28
N GLY C 151 16.77 3.88 -8.12
CA GLY C 151 17.08 2.45 -7.92
C GLY C 151 18.58 2.21 -7.85
N LEU C 152 19.33 2.72 -8.82
CA LEU C 152 20.81 2.55 -8.92
C LEU C 152 21.54 3.63 -8.11
N ALA C 153 20.86 4.47 -7.33
CA ALA C 153 21.47 5.62 -6.63
C ALA C 153 22.29 5.10 -5.45
N ARG C 154 23.16 5.96 -4.89
CA ARG C 154 23.80 5.71 -3.57
C ARG C 154 24.47 6.97 -3.02
N ALA C 155 24.59 7.02 -1.70
CA ALA C 155 25.36 8.00 -0.90
C ALA C 155 26.85 7.86 -1.21
N PHE C 156 27.58 8.96 -1.28
CA PHE C 156 29.03 8.99 -1.56
C PHE C 156 29.74 9.72 -0.42
N GLY C 157 30.91 9.20 -0.03
CA GLY C 157 31.83 9.88 0.88
C GLY C 157 32.57 11.00 0.16
N VAL C 158 33.26 11.85 0.93
CA VAL C 158 34.13 12.95 0.45
C VAL C 158 35.50 12.77 1.10
N PRO C 159 36.55 12.27 0.41
CA PRO C 159 36.45 11.85 -0.99
C PRO C 159 35.82 10.46 -1.19
N VAL C 160 35.61 10.14 -2.47
CA VAL C 160 34.84 8.98 -3.01
C VAL C 160 35.78 7.76 -3.03
N ARG C 161 35.28 6.55 -2.78
CA ARG C 161 36.02 5.28 -3.08
C ARG C 161 35.73 4.86 -4.52
N THR C 162 36.34 3.75 -4.96
CA THR C 162 35.88 2.91 -6.10
C THR C 162 34.48 2.38 -5.77
N TYR C 163 33.48 2.68 -6.61
CA TYR C 163 32.12 2.09 -6.53
C TYR C 163 31.89 1.22 -7.77
N TPO C 164 30.61 0.84 -7.99
CA TPO C 164 30.24 -0.24 -8.89
CB TPO C 164 28.72 -0.43 -8.96
CG2 TPO C 164 28.30 -1.46 -9.99
OG1 TPO C 164 28.28 -0.92 -7.65
P TPO C 164 27.30 -0.05 -6.69
O1P TPO C 164 28.09 1.20 -6.35
O2P TPO C 164 27.01 -0.93 -5.48
O3P TPO C 164 26.08 0.24 -7.53
C TPO C 164 30.83 -0.02 -10.28
O TPO C 164 30.64 1.05 -10.87
N HIS C 165 31.44 -1.09 -10.79
CA HIS C 165 32.40 -1.03 -11.87
C HIS C 165 31.85 -0.27 -13.07
N GLU C 166 30.62 -0.58 -13.50
CA GLU C 166 29.93 0.13 -14.62
C GLU C 166 28.40 0.08 -14.41
N VAL C 167 27.76 1.26 -14.47
CA VAL C 167 26.43 1.56 -13.86
C VAL C 167 25.50 2.24 -14.87
N VAL C 168 25.91 3.36 -15.48
CA VAL C 168 25.01 4.20 -16.34
C VAL C 168 24.68 3.38 -17.60
N THR C 169 23.50 3.60 -18.19
CA THR C 169 23.10 3.05 -19.51
C THR C 169 24.12 3.51 -20.56
N LEU C 170 24.47 2.64 -21.50
CA LEU C 170 25.68 2.77 -22.35
C LEU C 170 25.73 4.17 -22.97
N TRP C 171 24.62 4.66 -23.52
CA TRP C 171 24.57 5.91 -24.33
C TRP C 171 24.92 7.14 -23.49
N TYR C 172 24.62 7.10 -22.18
CA TYR C 172 24.64 8.27 -21.28
C TYR C 172 25.84 8.17 -20.33
N ARG C 173 26.71 7.18 -20.58
CA ARG C 173 27.80 6.77 -19.67
C ARG C 173 29.06 7.59 -19.98
N ALA C 174 29.68 8.11 -18.92
CA ALA C 174 30.82 9.05 -18.95
C ALA C 174 32.11 8.32 -19.31
N PRO C 175 33.05 8.97 -20.03
CA PRO C 175 34.27 8.31 -20.48
C PRO C 175 35.12 7.68 -19.36
N GLU C 176 35.17 8.29 -18.17
CA GLU C 176 35.95 7.83 -16.99
C GLU C 176 35.48 6.44 -16.55
N ILE C 177 34.19 6.12 -16.72
CA ILE C 177 33.60 4.79 -16.39
C ILE C 177 34.04 3.77 -17.46
N LEU C 178 34.01 4.18 -18.72
CA LEU C 178 34.36 3.33 -19.90
C LEU C 178 35.86 3.00 -19.87
N LEU C 179 36.70 3.97 -19.49
CA LEU C 179 38.17 3.80 -19.37
C LEU C 179 38.51 3.10 -18.03
N GLY C 180 37.53 2.89 -17.15
CA GLY C 180 37.64 2.04 -15.95
C GLY C 180 38.51 2.66 -14.88
N CYS C 181 38.30 3.94 -14.56
CA CYS C 181 39.01 4.69 -13.50
C CYS C 181 38.55 4.16 -12.13
N LYS C 182 39.44 4.14 -11.14
CA LYS C 182 39.13 3.78 -9.73
C LYS C 182 37.92 4.59 -9.25
N TYR C 183 37.99 5.91 -9.44
CA TYR C 183 37.12 6.94 -8.80
C TYR C 183 36.21 7.60 -9.84
N TYR C 184 34.90 7.61 -9.58
CA TYR C 184 33.91 8.49 -10.25
C TYR C 184 33.04 9.13 -9.17
N SER C 185 32.43 10.27 -9.52
CA SER C 185 31.71 11.17 -8.59
C SER C 185 30.61 11.93 -9.33
N THR C 186 30.27 13.13 -8.83
CA THR C 186 29.15 13.99 -9.30
C THR C 186 29.22 14.17 -10.83
N ALA C 187 30.42 14.25 -11.40
CA ALA C 187 30.68 14.59 -12.82
C ALA C 187 29.92 13.65 -13.77
N VAL C 188 29.67 12.40 -13.36
CA VAL C 188 29.04 11.36 -14.23
C VAL C 188 27.57 11.71 -14.48
N ASP C 189 26.95 12.45 -13.55
CA ASP C 189 25.53 12.86 -13.63
C ASP C 189 25.41 14.06 -14.59
N ILE C 190 26.35 15.01 -14.50
CA ILE C 190 26.45 16.19 -15.41
C ILE C 190 26.67 15.68 -16.84
N TRP C 191 27.55 14.70 -17.03
CA TRP C 191 27.80 14.09 -18.36
C TRP C 191 26.49 13.58 -18.94
N SER C 192 25.79 12.71 -18.21
CA SER C 192 24.50 12.12 -18.64
C SER C 192 23.53 13.26 -19.02
N LEU C 193 23.52 14.34 -18.24
CA LEU C 193 22.58 15.47 -18.44
C LEU C 193 22.93 16.21 -19.74
N GLY C 194 24.23 16.40 -19.99
CA GLY C 194 24.75 17.02 -21.23
C GLY C 194 24.31 16.25 -22.47
N CYS C 195 24.27 14.92 -22.37
CA CYS C 195 23.76 14.04 -23.44
C CYS C 195 22.26 14.32 -23.65
N ILE C 196 21.49 14.45 -22.57
CA ILE C 196 20.03 14.68 -22.63
C ILE C 196 19.77 16.06 -23.25
N PHE C 197 20.58 17.06 -22.91
CA PHE C 197 20.46 18.45 -23.42
C PHE C 197 20.52 18.40 -24.96
N ALA C 198 21.60 17.84 -25.53
CA ALA C 198 21.81 17.73 -26.99
C ALA C 198 20.67 16.96 -27.64
N GLU C 199 20.18 15.92 -26.96
CA GLU C 199 19.17 14.95 -27.47
C GLU C 199 17.81 15.63 -27.62
N MET C 200 17.49 16.56 -26.72
CA MET C 200 16.26 17.39 -26.81
C MET C 200 16.39 18.28 -28.06
N VAL C 201 17.56 18.89 -28.26
CA VAL C 201 17.79 19.97 -29.28
C VAL C 201 17.85 19.37 -30.71
N THR C 202 18.49 18.22 -30.89
CA THR C 202 18.71 17.53 -32.20
C THR C 202 17.70 16.39 -32.42
N ARG C 203 16.99 15.99 -31.35
CA ARG C 203 15.93 14.93 -31.37
C ARG C 203 16.53 13.56 -31.74
N ARG C 204 17.80 13.31 -31.41
CA ARG C 204 18.40 11.95 -31.48
C ARG C 204 19.57 11.83 -30.50
N ALA C 205 19.80 10.62 -30.02
CA ALA C 205 20.91 10.26 -29.10
C ALA C 205 22.22 10.83 -29.65
N LEU C 206 23.00 11.50 -28.80
CA LEU C 206 24.30 12.12 -29.17
C LEU C 206 25.32 11.03 -29.48
N PHE C 207 25.40 10.00 -28.63
CA PHE C 207 26.44 8.93 -28.62
C PHE C 207 25.79 7.55 -28.49
N PRO C 208 25.09 7.03 -29.52
CA PRO C 208 24.35 5.77 -29.41
C PRO C 208 25.11 4.47 -29.72
N GLY C 209 26.14 4.16 -28.93
CA GLY C 209 27.09 3.05 -29.19
C GLY C 209 26.56 1.68 -28.77
N ASP C 210 27.09 0.61 -29.38
CA ASP C 210 26.62 -0.79 -29.23
C ASP C 210 27.31 -1.45 -28.01
N SER C 211 28.64 -1.33 -27.90
CA SER C 211 29.45 -1.89 -26.78
C SER C 211 30.36 -0.79 -26.23
N GLU C 212 31.15 -1.10 -25.21
CA GLU C 212 31.99 -0.13 -24.43
C GLU C 212 33.03 0.54 -25.33
N ILE C 213 33.69 -0.22 -26.22
CA ILE C 213 34.80 0.29 -27.09
C ILE C 213 34.23 1.09 -28.29
N ASP C 214 32.98 0.76 -28.69
CA ASP C 214 32.20 1.47 -29.74
C ASP C 214 31.71 2.83 -29.20
N GLN C 215 31.34 2.87 -27.92
CA GLN C 215 30.87 4.11 -27.23
C GLN C 215 31.97 5.18 -27.30
N LEU C 216 33.19 4.84 -26.87
CA LEU C 216 34.36 5.75 -26.86
C LEU C 216 34.60 6.33 -28.26
N PHE C 217 34.62 5.46 -29.26
CA PHE C 217 34.92 5.83 -30.68
C PHE C 217 33.85 6.82 -31.16
N ARG C 218 32.62 6.75 -30.64
CA ARG C 218 31.54 7.71 -31.00
C ARG C 218 31.77 9.03 -30.25
N ILE C 219 32.26 8.97 -29.01
CA ILE C 219 32.60 10.18 -28.21
C ILE C 219 33.83 10.86 -28.84
N PHE C 220 34.87 10.09 -29.15
CA PHE C 220 36.17 10.57 -29.70
C PHE C 220 35.96 11.27 -31.05
N ARG C 221 35.02 10.79 -31.88
CA ARG C 221 34.69 11.35 -33.22
C ARG C 221 34.22 12.81 -33.10
N THR C 222 33.43 13.12 -32.08
CA THR C 222 32.73 14.41 -31.88
C THR C 222 33.62 15.35 -31.05
N LEU C 223 34.20 14.87 -29.95
CA LEU C 223 34.96 15.72 -28.99
C LEU C 223 36.46 15.65 -29.28
N GLY C 224 36.89 14.86 -30.26
CA GLY C 224 38.31 14.61 -30.54
C GLY C 224 38.90 13.63 -29.54
N THR C 225 39.97 12.91 -29.93
CA THR C 225 40.67 11.95 -29.04
C THR C 225 41.36 12.72 -27.93
N PRO C 226 41.11 12.38 -26.65
CA PRO C 226 41.77 13.07 -25.53
C PRO C 226 43.23 12.63 -25.39
N ASP C 227 44.06 13.48 -24.78
CA ASP C 227 45.51 13.24 -24.51
C ASP C 227 45.89 13.91 -23.18
N GLU C 228 47.19 14.01 -22.86
CA GLU C 228 47.69 14.51 -21.55
C GLU C 228 47.35 16.00 -21.39
N VAL C 229 47.28 16.76 -22.49
CA VAL C 229 46.98 18.23 -22.49
C VAL C 229 45.59 18.44 -21.88
N VAL C 230 44.52 18.02 -22.56
CA VAL C 230 43.09 18.29 -22.17
C VAL C 230 42.76 17.50 -20.89
N TRP C 231 43.27 16.27 -20.76
CA TRP C 231 42.95 15.35 -19.63
C TRP C 231 44.26 14.78 -19.06
N PRO C 232 44.95 15.49 -18.14
CA PRO C 232 46.06 14.90 -17.40
C PRO C 232 45.60 13.64 -16.64
N GLY C 233 45.98 12.45 -17.14
CA GLY C 233 45.59 11.15 -16.56
C GLY C 233 45.45 10.05 -17.60
N VAL C 234 44.60 10.27 -18.61
CA VAL C 234 44.14 9.28 -19.65
C VAL C 234 45.14 8.13 -19.86
N THR C 235 46.42 8.41 -20.11
CA THR C 235 47.46 7.41 -20.52
C THR C 235 47.78 6.45 -19.37
N SER C 236 47.49 6.83 -18.11
CA SER C 236 47.70 6.00 -16.89
C SER C 236 46.61 4.92 -16.79
N MET C 237 45.37 5.27 -17.14
CA MET C 237 44.11 4.62 -16.67
C MET C 237 43.98 3.22 -17.27
N PRO C 238 43.38 2.26 -16.53
CA PRO C 238 43.57 0.82 -16.78
C PRO C 238 43.17 0.26 -18.14
N ASP C 239 42.10 0.82 -18.75
CA ASP C 239 41.46 0.34 -20.01
C ASP C 239 41.84 1.25 -21.20
N TYR C 240 42.70 2.26 -20.97
CA TYR C 240 43.34 3.08 -22.04
C TYR C 240 44.45 2.26 -22.70
N LYS C 241 44.65 2.44 -24.02
CA LYS C 241 45.73 1.82 -24.81
C LYS C 241 46.41 2.90 -25.66
N PRO C 242 47.74 2.78 -25.93
CA PRO C 242 48.43 3.72 -26.83
C PRO C 242 47.88 3.67 -28.26
N SER C 243 47.35 2.51 -28.67
CA SER C 243 46.83 2.19 -30.02
C SER C 243 45.65 3.12 -30.40
N PHE C 244 44.80 3.47 -29.43
CA PHE C 244 43.58 4.31 -29.61
C PHE C 244 43.75 5.23 -30.83
N PRO C 245 42.75 5.30 -31.74
CA PRO C 245 42.88 6.12 -32.94
C PRO C 245 42.69 7.61 -32.63
N LYS C 246 43.16 8.47 -33.53
CA LYS C 246 43.07 9.96 -33.43
C LYS C 246 41.79 10.44 -34.11
N TRP C 247 41.12 11.43 -33.51
CA TRP C 247 40.08 12.29 -34.14
C TRP C 247 40.29 13.75 -33.69
N ALA C 248 40.24 14.68 -34.63
CA ALA C 248 40.27 16.14 -34.36
C ALA C 248 38.89 16.54 -33.83
N ARG C 249 38.86 17.56 -32.96
CA ARG C 249 37.63 18.07 -32.30
C ARG C 249 36.69 18.66 -33.36
N GLN C 250 35.39 18.42 -33.22
CA GLN C 250 34.33 18.94 -34.13
C GLN C 250 33.69 20.19 -33.51
N ASP C 251 33.38 21.20 -34.32
CA ASP C 251 32.77 22.49 -33.89
C ASP C 251 31.31 22.23 -33.55
N PHE C 252 30.85 22.75 -32.40
CA PHE C 252 29.50 22.52 -31.82
C PHE C 252 28.42 23.21 -32.66
N SER C 253 28.82 24.14 -33.54
CA SER C 253 27.98 24.71 -34.62
C SER C 253 27.33 23.58 -35.44
N LYS C 254 28.04 22.47 -35.64
CA LYS C 254 27.56 21.29 -36.43
C LYS C 254 26.91 20.27 -35.47
N VAL C 255 27.55 19.97 -34.33
CA VAL C 255 27.07 18.95 -33.36
C VAL C 255 25.63 19.29 -32.93
N VAL C 256 25.37 20.54 -32.55
CA VAL C 256 24.05 21.03 -32.05
C VAL C 256 23.71 22.36 -32.73
N PRO C 257 23.34 22.35 -34.03
CA PRO C 257 23.25 23.58 -34.81
C PRO C 257 22.38 24.67 -34.19
N PRO C 258 21.10 24.44 -33.86
CA PRO C 258 20.19 25.54 -33.54
C PRO C 258 20.49 26.33 -32.24
N LEU C 259 21.45 25.91 -31.41
CA LEU C 259 21.83 26.60 -30.14
C LEU C 259 22.65 27.86 -30.45
N ASP C 260 22.47 28.91 -29.64
CA ASP C 260 23.23 30.19 -29.67
C ASP C 260 24.61 29.96 -29.05
N GLU C 261 25.48 30.97 -29.13
CA GLU C 261 26.85 30.92 -28.55
C GLU C 261 26.77 30.44 -27.09
N ASP C 262 25.82 30.95 -26.30
CA ASP C 262 25.73 30.68 -24.84
C ASP C 262 25.37 29.21 -24.61
N GLY C 263 24.37 28.68 -25.32
CA GLY C 263 23.98 27.26 -25.28
C GLY C 263 25.11 26.31 -25.66
N ARG C 264 25.93 26.66 -26.66
CA ARG C 264 27.06 25.81 -27.14
C ARG C 264 28.18 25.82 -26.08
N SER C 265 28.48 26.99 -25.50
CA SER C 265 29.40 27.19 -24.35
C SER C 265 29.02 26.28 -23.17
N LEU C 266 27.74 26.24 -22.77
CA LEU C 266 27.29 25.44 -21.59
C LEU C 266 27.51 23.96 -21.89
N LEU C 267 27.16 23.51 -23.10
CA LEU C 267 27.25 22.06 -23.48
C LEU C 267 28.71 21.58 -23.39
N SER C 268 29.66 22.34 -23.96
CA SER C 268 31.10 21.94 -23.95
C SER C 268 31.61 21.91 -22.50
N GLN C 269 31.03 22.73 -21.63
CA GLN C 269 31.41 22.77 -20.19
C GLN C 269 30.81 21.58 -19.43
N MET C 270 29.75 20.97 -19.96
CA MET C 270 29.10 19.75 -19.40
C MET C 270 29.70 18.48 -20.03
N LEU C 271 30.28 18.55 -21.23
CA LEU C 271 30.93 17.38 -21.90
C LEU C 271 32.47 17.48 -21.87
N HIS C 272 33.06 18.29 -21.00
CA HIS C 272 34.53 18.39 -20.78
C HIS C 272 35.06 17.05 -20.28
N TYR C 273 36.21 16.60 -20.82
CA TYR C 273 36.79 15.25 -20.61
C TYR C 273 37.20 15.03 -19.15
N ASP C 274 38.09 15.88 -18.64
CA ASP C 274 38.61 15.83 -17.24
C ASP C 274 37.47 16.08 -16.25
N PRO C 275 37.10 15.09 -15.40
CA PRO C 275 35.95 15.23 -14.51
C PRO C 275 36.20 16.20 -13.35
N ASN C 276 37.45 16.62 -13.14
CA ASN C 276 37.84 17.63 -12.13
C ASN C 276 37.49 19.02 -12.67
N LYS C 277 37.53 19.22 -13.99
CA LYS C 277 37.29 20.52 -14.67
C LYS C 277 35.87 20.62 -15.27
N ARG C 278 35.12 19.51 -15.34
CA ARG C 278 33.70 19.49 -15.80
C ARG C 278 32.81 20.31 -14.83
N ILE C 279 31.98 21.20 -15.38
CA ILE C 279 31.11 22.17 -14.65
C ILE C 279 30.19 21.40 -13.69
N SER C 280 29.94 21.97 -12.51
CA SER C 280 29.00 21.43 -11.49
C SER C 280 27.57 21.91 -11.78
N ALA C 281 26.56 21.20 -11.28
CA ALA C 281 25.13 21.59 -11.37
C ALA C 281 24.93 23.01 -10.83
N LYS C 282 25.51 23.32 -9.67
CA LYS C 282 25.48 24.66 -9.02
C LYS C 282 25.96 25.74 -10.00
N ALA C 283 27.19 25.64 -10.51
CA ALA C 283 27.85 26.66 -11.36
C ALA C 283 27.12 26.78 -12.71
N ALA C 284 26.52 25.69 -13.20
CA ALA C 284 25.77 25.65 -14.47
C ALA C 284 24.53 26.55 -14.37
N LEU C 285 23.91 26.66 -13.18
CA LEU C 285 22.71 27.51 -12.92
C LEU C 285 23.06 28.98 -13.15
N ALA C 286 24.33 29.36 -12.99
CA ALA C 286 24.82 30.75 -13.13
C ALA C 286 25.38 31.00 -14.54
N HIS C 287 25.29 30.05 -15.46
CA HIS C 287 25.69 30.26 -16.88
C HIS C 287 24.80 31.32 -17.51
N PRO C 288 25.36 32.23 -18.33
CA PRO C 288 24.54 33.22 -19.06
C PRO C 288 23.47 32.68 -20.02
N PHE C 289 23.49 31.39 -20.35
CA PHE C 289 22.41 30.72 -21.14
C PHE C 289 21.07 30.94 -20.43
N PHE C 290 21.05 30.96 -19.09
CA PHE C 290 19.80 31.00 -18.27
C PHE C 290 19.35 32.44 -17.93
N GLN C 291 20.04 33.49 -18.40
CA GLN C 291 19.71 34.91 -18.04
C GLN C 291 18.23 35.24 -18.31
N ASP C 292 17.60 34.60 -19.30
CA ASP C 292 16.25 34.93 -19.81
C ASP C 292 15.29 33.73 -19.65
N VAL C 293 15.54 32.85 -18.67
CA VAL C 293 14.75 31.60 -18.46
C VAL C 293 13.32 31.99 -18.03
N THR C 294 12.32 31.18 -18.43
CA THR C 294 10.88 31.29 -18.06
C THR C 294 10.30 29.88 -17.88
N LYS C 295 8.98 29.74 -17.68
CA LYS C 295 8.32 28.42 -17.44
C LYS C 295 7.19 28.20 -18.43
N PRO C 296 7.50 27.79 -19.69
CA PRO C 296 6.46 27.47 -20.68
C PRO C 296 5.65 26.21 -20.34
N VAL C 297 4.44 26.10 -20.92
CA VAL C 297 3.49 24.97 -20.73
C VAL C 297 3.61 24.05 -21.95
N PRO C 298 3.83 22.73 -21.77
CA PRO C 298 3.84 21.79 -22.89
C PRO C 298 2.46 21.57 -23.52
N HIS C 299 2.41 20.82 -24.64
CA HIS C 299 1.21 20.60 -25.49
C HIS C 299 0.19 19.72 -24.76
N VAL D 3 37.89 21.23 -2.52
CA VAL D 3 36.68 21.63 -3.28
C VAL D 3 36.33 20.49 -4.24
N PRO D 4 36.94 20.42 -5.44
C PRO D 4 33.29 21.41 -4.98
N ASP D 5 32.31 22.22 -5.38
CA ASP D 5 31.66 23.25 -4.51
C ASP D 5 30.58 22.61 -3.62
N TYR D 6 30.66 21.29 -3.36
CA TYR D 6 29.65 20.49 -2.62
C TYR D 6 30.19 20.09 -1.24
N HIS D 7 31.51 20.10 -1.05
CA HIS D 7 32.19 19.61 0.17
C HIS D 7 31.66 20.31 1.44
N GLU D 8 31.30 21.60 1.34
CA GLU D 8 30.90 22.45 2.49
C GLU D 8 29.43 22.19 2.83
N ASP D 9 28.56 22.14 1.80
CA ASP D 9 27.11 21.86 1.95
C ASP D 9 26.92 20.45 2.55
N ILE D 10 27.76 19.49 2.16
CA ILE D 10 27.67 18.07 2.62
C ILE D 10 28.03 18.02 4.11
N HIS D 11 29.06 18.76 4.54
CA HIS D 11 29.49 18.82 5.96
C HIS D 11 28.41 19.48 6.81
N THR D 12 27.82 20.57 6.33
CA THR D 12 26.66 21.23 6.99
C THR D 12 25.52 20.22 7.11
N TYR D 13 25.18 19.50 6.03
CA TYR D 13 24.06 18.52 5.99
C TYR D 13 24.35 17.36 6.95
N LEU D 14 25.55 16.80 6.93
CA LEU D 14 25.95 15.68 7.83
C LEU D 14 25.87 16.11 9.31
N ARG D 15 26.18 17.37 9.62
CA ARG D 15 26.17 17.90 11.01
C ARG D 15 24.72 18.02 11.49
N GLU D 16 23.80 18.38 10.58
CA GLU D 16 22.33 18.44 10.82
C GLU D 16 21.80 17.03 11.16
N MET D 17 22.20 16.00 10.42
CA MET D 17 21.56 14.65 10.47
C MET D 17 22.16 13.77 11.58
N GLU D 18 23.35 14.07 12.09
CA GLU D 18 24.01 13.23 13.14
C GLU D 18 23.30 13.44 14.49
N VAL D 19 22.51 14.50 14.63
CA VAL D 19 21.69 14.83 15.84
C VAL D 19 20.31 14.16 15.76
N LYS D 20 19.89 13.70 14.58
CA LYS D 20 18.56 13.07 14.36
C LYS D 20 18.70 11.55 14.40
N CYS D 21 19.75 11.00 13.78
CA CYS D 21 20.07 9.54 13.72
C CYS D 21 20.68 9.10 15.05
N LYS D 22 20.02 9.39 16.19
CA LYS D 22 20.63 9.34 17.55
C LYS D 22 19.90 8.34 18.45
N PRO D 23 20.65 7.55 19.26
CA PRO D 23 20.08 6.77 20.36
C PRO D 23 20.20 7.51 21.71
N LYS D 24 19.39 7.14 22.71
CA LYS D 24 19.51 7.66 24.09
C LYS D 24 20.72 6.98 24.77
N VAL D 25 21.56 7.76 25.46
CA VAL D 25 22.78 7.26 26.18
C VAL D 25 22.36 6.18 27.19
N GLY D 26 21.35 6.47 28.00
CA GLY D 26 20.94 5.62 29.14
C GLY D 26 19.91 4.58 28.74
N TYR D 27 20.07 3.96 27.57
CA TYR D 27 19.13 2.96 26.98
C TYR D 27 19.38 1.58 27.61
N MET D 28 20.64 1.27 27.94
CA MET D 28 21.09 -0.08 28.34
C MET D 28 20.54 -0.45 29.72
N LYS D 29 20.51 0.51 30.65
CA LYS D 29 20.04 0.30 32.04
C LYS D 29 18.53 -0.01 32.00
N LYS D 30 17.80 0.48 30.99
CA LYS D 30 16.36 0.17 30.74
C LYS D 30 16.23 -1.21 30.10
N GLN D 31 17.13 -1.56 29.17
CA GLN D 31 17.20 -2.90 28.53
C GLN D 31 17.61 -3.93 29.60
N PRO D 32 16.65 -4.72 30.13
CA PRO D 32 16.84 -5.42 31.41
C PRO D 32 17.75 -6.66 31.39
N ASP D 33 17.89 -7.33 30.25
CA ASP D 33 18.62 -8.64 30.12
C ASP D 33 19.96 -8.45 29.40
N ILE D 34 20.35 -7.20 29.12
CA ILE D 34 21.59 -6.86 28.36
C ILE D 34 22.38 -5.78 29.12
N THR D 35 23.71 -5.84 28.98
CA THR D 35 24.71 -4.88 29.55
C THR D 35 25.65 -4.36 28.45
N ASN D 36 26.34 -3.25 28.73
CA ASN D 36 27.43 -2.68 27.88
C ASN D 36 28.48 -3.76 27.60
N SER D 37 28.75 -4.62 28.58
CA SER D 37 29.71 -5.76 28.53
C SER D 37 29.42 -6.65 27.31
N MET D 38 28.18 -7.16 27.23
CA MET D 38 27.69 -8.05 26.13
C MET D 38 27.79 -7.35 24.76
N ARG D 39 27.44 -6.05 24.71
CA ARG D 39 27.50 -5.20 23.50
C ARG D 39 28.94 -5.15 22.98
N ALA D 40 29.90 -4.93 23.88
CA ALA D 40 31.35 -4.89 23.55
C ALA D 40 31.74 -6.18 22.81
N ILE D 41 31.21 -7.34 23.23
CA ILE D 41 31.61 -8.68 22.68
C ILE D 41 31.03 -8.83 21.27
N LEU D 42 29.83 -8.30 21.05
CA LEU D 42 29.12 -8.39 19.75
C LEU D 42 29.80 -7.47 18.73
N VAL D 43 30.12 -6.23 19.12
CA VAL D 43 30.77 -5.27 18.19
C VAL D 43 32.15 -5.82 17.84
N ASP D 44 32.84 -6.43 18.81
CA ASP D 44 34.16 -7.11 18.60
C ASP D 44 34.00 -8.21 17.53
N TRP D 45 32.92 -8.98 17.60
CA TRP D 45 32.65 -10.13 16.69
C TRP D 45 32.46 -9.62 15.25
N LEU D 46 31.71 -8.54 15.04
CA LEU D 46 31.40 -8.01 13.67
C LEU D 46 32.69 -7.57 12.95
N VAL D 47 33.68 -7.05 13.68
CA VAL D 47 35.01 -6.71 13.09
C VAL D 47 35.57 -7.97 12.42
N GLU D 48 35.65 -9.08 13.16
CA GLU D 48 36.15 -10.39 12.66
C GLU D 48 35.40 -10.77 11.37
N VAL D 49 34.08 -10.59 11.36
CA VAL D 49 33.20 -10.86 10.19
C VAL D 49 33.60 -9.94 9.04
N GLY D 50 33.77 -8.64 9.32
CA GLY D 50 34.22 -7.62 8.36
C GLY D 50 35.45 -8.08 7.61
N GLU D 51 36.46 -8.59 8.35
CA GLU D 51 37.76 -9.08 7.84
C GLU D 51 37.58 -10.33 6.96
N GLU D 52 36.77 -11.30 7.42
CA GLU D 52 36.56 -12.58 6.70
C GLU D 52 36.05 -12.28 5.29
N TYR D 53 35.08 -11.37 5.14
CA TYR D 53 34.41 -11.08 3.84
C TYR D 53 34.93 -9.77 3.22
N LYS D 54 36.09 -9.27 3.70
CA LYS D 54 36.80 -8.06 3.19
C LYS D 54 35.80 -6.91 2.98
N LEU D 55 34.98 -6.64 4.00
CA LEU D 55 33.97 -5.55 4.01
C LEU D 55 34.68 -4.23 4.35
N GLN D 56 34.14 -3.12 3.84
CA GLN D 56 34.60 -1.73 4.10
C GLN D 56 34.35 -1.36 5.57
N ASN D 57 35.13 -0.42 6.10
CA ASN D 57 35.03 0.08 7.51
C ASN D 57 33.70 0.81 7.70
N GLU D 58 33.20 1.46 6.66
CA GLU D 58 31.93 2.23 6.67
C GLU D 58 30.76 1.30 7.03
N THR D 59 30.74 0.11 6.42
CA THR D 59 29.74 -0.97 6.65
C THR D 59 29.65 -1.29 8.15
N LEU D 60 30.79 -1.42 8.84
CA LEU D 60 30.85 -1.76 10.29
C LEU D 60 30.31 -0.59 11.13
N HIS D 61 30.72 0.64 10.80
CA HIS D 61 30.26 1.88 11.48
C HIS D 61 28.74 2.03 11.36
N LEU D 62 28.18 1.72 10.19
CA LEU D 62 26.71 1.79 9.91
C LEU D 62 25.96 0.74 10.74
N ALA D 63 26.45 -0.50 10.78
CA ALA D 63 25.82 -1.63 11.51
C ALA D 63 25.70 -1.29 13.00
N VAL D 64 26.79 -0.83 13.60
CA VAL D 64 26.84 -0.43 15.04
C VAL D 64 25.79 0.66 15.31
N ASN D 65 25.63 1.63 14.40
CA ASN D 65 24.62 2.71 14.50
C ASN D 65 23.22 2.08 14.56
N TYR D 66 22.92 1.12 13.67
CA TYR D 66 21.61 0.42 13.53
C TYR D 66 21.30 -0.36 14.81
N ILE D 67 22.28 -1.11 15.33
CA ILE D 67 22.19 -1.91 16.58
C ILE D 67 21.85 -1.00 17.77
N ASP D 68 22.59 0.09 17.96
CA ASP D 68 22.37 1.05 19.08
C ASP D 68 20.94 1.60 18.98
N ARG D 69 20.50 2.03 17.80
CA ARG D 69 19.19 2.70 17.61
C ARG D 69 18.07 1.68 17.85
N PHE D 70 18.31 0.41 17.53
CA PHE D 70 17.32 -0.69 17.66
C PHE D 70 17.09 -1.04 19.13
N LEU D 71 18.16 -1.02 19.95
CA LEU D 71 18.11 -1.28 21.41
C LEU D 71 17.56 -0.05 22.16
N SER D 72 17.61 1.14 21.55
CA SER D 72 17.04 2.39 22.11
C SER D 72 15.51 2.36 21.98
N SER D 73 14.95 1.51 21.10
CA SER D 73 13.53 1.50 20.67
C SER D 73 12.79 0.28 21.22
N GLN D 74 13.31 -0.92 20.98
CA GLN D 74 12.68 -2.22 21.40
C GLN D 74 12.94 -2.44 22.89
N GLU D 75 11.91 -2.93 23.59
CA GLU D 75 11.78 -2.93 25.08
C GLU D 75 12.63 -4.06 25.67
N ASN D 76 12.32 -5.31 25.29
CA ASN D 76 12.90 -6.54 25.89
C ASN D 76 13.56 -7.38 24.79
N VAL D 77 14.88 -7.25 24.66
CA VAL D 77 15.73 -8.13 23.81
C VAL D 77 16.37 -9.17 24.73
N LEU D 78 15.99 -10.44 24.56
CA LEU D 78 16.63 -11.60 25.23
C LEU D 78 18.06 -11.71 24.70
N ARG D 79 19.02 -12.03 25.59
CA ARG D 79 20.47 -12.07 25.26
C ARG D 79 20.73 -13.15 24.18
N GLY D 80 19.85 -14.15 24.07
CA GLY D 80 19.93 -15.21 23.04
C GLY D 80 19.64 -14.69 21.65
N LYS D 81 18.97 -13.53 21.55
CA LYS D 81 18.61 -12.86 20.27
C LYS D 81 19.68 -11.83 19.86
N LEU D 82 20.54 -11.41 20.79
CA LEU D 82 21.46 -10.25 20.61
C LEU D 82 22.36 -10.45 19.37
N GLN D 83 22.76 -11.69 19.05
CA GLN D 83 23.69 -11.97 17.91
C GLN D 83 22.91 -11.94 16.58
N LEU D 84 21.63 -12.34 16.60
CA LEU D 84 20.73 -12.30 15.41
C LEU D 84 20.48 -10.84 14.99
N VAL D 85 20.28 -9.95 15.97
CA VAL D 85 20.16 -8.47 15.78
C VAL D 85 21.42 -8.00 15.01
N GLY D 86 22.59 -8.43 15.47
CA GLY D 86 23.89 -8.04 14.90
C GLY D 86 24.07 -8.55 13.49
N THR D 87 23.62 -9.78 13.22
CA THR D 87 23.73 -10.44 11.88
C THR D 87 22.90 -9.67 10.86
N ALA D 88 21.70 -9.22 11.24
CA ALA D 88 20.74 -8.49 10.36
C ALA D 88 21.26 -7.08 10.11
N ALA D 89 21.63 -6.36 11.18
CA ALA D 89 22.21 -5.00 11.14
C ALA D 89 23.35 -4.96 10.10
N MET D 90 24.19 -5.98 10.10
CA MET D 90 25.39 -6.07 9.22
C MET D 90 24.94 -6.43 7.80
N LEU D 91 23.91 -7.26 7.66
CA LEU D 91 23.30 -7.60 6.35
C LEU D 91 22.74 -6.32 5.70
N LEU D 92 21.92 -5.57 6.43
CA LEU D 92 21.34 -4.28 5.98
C LEU D 92 22.45 -3.33 5.52
N ALA D 93 23.47 -3.10 6.38
CA ALA D 93 24.62 -2.20 6.12
C ALA D 93 25.36 -2.66 4.85
N SER D 94 25.54 -3.96 4.66
CA SER D 94 26.21 -4.52 3.46
C SER D 94 25.39 -4.23 2.19
N LYS D 95 24.06 -4.27 2.29
CA LYS D 95 23.14 -4.02 1.15
C LYS D 95 23.20 -2.54 0.78
N PHE D 96 23.19 -1.66 1.78
CA PHE D 96 23.32 -0.19 1.59
C PHE D 96 24.68 0.13 0.94
N GLU D 97 25.80 -0.41 1.46
CA GLU D 97 27.14 0.20 1.30
C GLU D 97 28.07 -0.61 0.38
N GLU D 98 28.00 -1.96 0.33
CA GLU D 98 28.96 -2.77 -0.46
C GLU D 98 28.52 -2.89 -1.92
N ILE D 99 29.50 -2.98 -2.83
CA ILE D 99 29.28 -3.24 -4.29
C ILE D 99 28.61 -4.62 -4.44
N TYR D 100 29.27 -5.66 -3.90
CA TYR D 100 28.83 -7.09 -3.89
C TYR D 100 28.63 -7.53 -2.44
N PRO D 101 27.42 -7.40 -1.86
CA PRO D 101 27.18 -7.80 -0.46
C PRO D 101 27.20 -9.32 -0.32
N PRO D 102 27.82 -9.90 0.73
CA PRO D 102 27.78 -11.35 0.94
C PRO D 102 26.34 -11.88 0.98
N GLU D 103 26.16 -13.09 0.44
CA GLU D 103 24.86 -13.80 0.31
C GLU D 103 24.28 -14.03 1.72
N VAL D 104 22.95 -14.19 1.81
CA VAL D 104 22.20 -14.50 3.06
C VAL D 104 22.72 -15.81 3.67
N ALA D 105 23.02 -16.82 2.84
CA ALA D 105 23.57 -18.13 3.23
C ALA D 105 24.91 -17.94 3.97
N GLU D 106 25.72 -16.97 3.52
CA GLU D 106 27.03 -16.62 4.14
C GLU D 106 26.82 -16.12 5.56
N PHE D 107 25.79 -15.29 5.79
CA PHE D 107 25.45 -14.68 7.11
C PHE D 107 24.91 -15.74 8.08
N VAL D 108 24.41 -16.87 7.54
CA VAL D 108 24.06 -18.09 8.34
C VAL D 108 25.35 -18.80 8.74
N TYR D 109 26.20 -19.12 7.75
CA TYR D 109 27.47 -19.89 7.88
C TYR D 109 28.32 -19.37 9.06
N ILE D 110 28.32 -18.07 9.34
CA ILE D 110 29.21 -17.45 10.37
C ILE D 110 28.60 -17.58 11.77
N THR D 111 27.29 -17.84 11.90
CA THR D 111 26.62 -18.10 13.20
C THR D 111 26.83 -19.56 13.62
N ASP D 112 27.33 -20.40 12.71
CA ASP D 112 27.50 -21.88 12.84
C ASP D 112 26.12 -22.53 13.00
N ASP D 113 25.13 -22.00 12.29
CA ASP D 113 23.73 -22.50 12.27
C ASP D 113 23.12 -22.36 13.67
N THR D 114 23.44 -21.27 14.37
CA THR D 114 22.74 -20.80 15.61
C THR D 114 21.29 -20.45 15.23
N TYR D 115 21.14 -19.55 14.25
CA TYR D 115 19.85 -19.11 13.68
C TYR D 115 19.75 -19.61 12.23
N THR D 116 18.52 -19.95 11.80
CA THR D 116 18.19 -20.40 10.42
C THR D 116 18.06 -19.18 9.50
N LYS D 117 17.87 -19.40 8.20
CA LYS D 117 17.64 -18.34 7.18
C LYS D 117 16.35 -17.59 7.51
N LYS D 118 15.25 -18.32 7.72
CA LYS D 118 13.92 -17.77 8.09
C LYS D 118 14.10 -16.67 9.15
N GLN D 119 14.85 -16.96 10.22
CA GLN D 119 14.97 -16.10 11.42
C GLN D 119 15.71 -14.80 11.11
N VAL D 120 16.67 -14.84 10.17
CA VAL D 120 17.52 -13.67 9.81
C VAL D 120 16.70 -12.70 8.95
N LEU D 121 15.98 -13.23 7.95
CA LEU D 121 15.06 -12.44 7.07
C LEU D 121 13.95 -11.83 7.92
N ARG D 122 13.47 -12.56 8.94
CA ARG D 122 12.43 -12.09 9.89
C ARG D 122 12.98 -10.94 10.74
N MET D 123 14.21 -11.06 11.26
CA MET D 123 14.88 -10.04 12.10
C MET D 123 15.26 -8.81 11.25
N GLU D 124 15.62 -9.03 9.97
CA GLU D 124 15.90 -7.94 9.01
C GLU D 124 14.67 -7.02 8.97
N HIS D 125 13.50 -7.61 8.64
CA HIS D 125 12.20 -6.91 8.54
C HIS D 125 11.95 -6.05 9.80
N LEU D 126 12.11 -6.65 10.98
CA LEU D 126 11.78 -5.99 12.28
C LEU D 126 12.65 -4.74 12.47
N VAL D 127 13.95 -4.85 12.16
CA VAL D 127 14.94 -3.73 12.25
C VAL D 127 14.47 -2.59 11.33
N LEU D 128 14.17 -2.88 10.05
CA LEU D 128 13.76 -1.88 9.02
C LEU D 128 12.48 -1.15 9.44
N LYS D 129 11.55 -1.86 10.09
CA LYS D 129 10.28 -1.28 10.62
C LYS D 129 10.63 -0.32 11.76
N VAL D 130 11.48 -0.74 12.69
CA VAL D 130 11.86 0.07 13.89
C VAL D 130 12.58 1.35 13.45
N LEU D 131 13.53 1.24 12.52
CA LEU D 131 14.36 2.40 12.04
C LEU D 131 13.60 3.22 10.99
N THR D 132 12.62 2.61 10.31
CA THR D 132 11.72 3.24 9.30
C THR D 132 12.53 3.61 8.04
N PHE D 133 13.45 2.73 7.65
CA PHE D 133 14.29 2.82 6.44
C PHE D 133 15.25 4.03 6.52
N ASP D 134 15.46 4.60 7.71
CA ASP D 134 16.38 5.76 7.88
C ASP D 134 17.79 5.17 8.09
N LEU D 135 18.44 4.75 6.99
CA LEU D 135 19.67 3.92 6.98
C LEU D 135 20.90 4.75 6.56
N ALA D 136 20.72 6.00 6.12
CA ALA D 136 21.79 6.92 5.66
C ALA D 136 22.29 7.75 6.84
N ALA D 137 22.86 7.08 7.84
CA ALA D 137 23.37 7.67 9.11
C ALA D 137 24.78 8.18 8.90
N PRO D 138 25.09 9.41 9.37
CA PRO D 138 26.48 9.87 9.48
C PRO D 138 27.32 9.02 10.43
N THR D 139 28.55 8.72 10.06
CA THR D 139 29.51 7.91 10.85
C THR D 139 30.75 8.74 11.20
N VAL D 140 31.51 8.27 12.18
CA VAL D 140 32.85 8.81 12.54
C VAL D 140 33.75 8.74 11.31
N ASN D 141 33.68 7.60 10.60
CA ASN D 141 34.39 7.30 9.33
C ASN D 141 34.13 8.41 8.29
N GLN D 142 32.87 8.80 8.07
CA GLN D 142 32.50 9.85 7.05
C GLN D 142 33.12 11.21 7.40
N PHE D 143 33.19 11.56 8.69
CA PHE D 143 33.75 12.84 9.20
C PHE D 143 35.28 12.81 9.09
N LEU D 144 35.90 11.69 9.48
CA LEU D 144 37.38 11.46 9.37
C LEU D 144 37.84 11.71 7.94
N THR D 145 37.16 11.07 7.00
CA THR D 145 37.43 11.09 5.54
C THR D 145 37.42 12.56 5.06
N GLN D 146 36.55 13.40 5.63
CA GLN D 146 36.51 14.85 5.31
C GLN D 146 37.71 15.57 5.92
N TYR D 147 38.07 15.28 7.17
CA TYR D 147 39.18 15.96 7.89
C TYR D 147 40.51 15.68 7.16
N PHE D 148 40.73 14.44 6.68
CA PHE D 148 41.98 14.00 6.04
C PHE D 148 42.41 14.96 4.92
N LEU D 149 41.45 15.55 4.20
CA LEU D 149 41.71 16.44 3.05
C LEU D 149 42.47 17.72 3.48
N HIS D 150 42.57 18.00 4.78
CA HIS D 150 43.28 19.20 5.31
C HIS D 150 44.74 18.88 5.68
N GLN D 151 45.18 17.61 5.57
CA GLN D 151 46.62 17.24 5.53
C GLN D 151 47.00 16.89 4.09
N GLN D 152 47.61 17.85 3.36
CA GLN D 152 48.13 17.71 1.97
C GLN D 152 49.66 17.76 1.99
N PRO D 153 50.38 16.82 1.32
CA PRO D 153 49.78 15.57 0.87
C PRO D 153 49.37 14.73 2.09
N ALA D 154 48.50 13.74 1.87
CA ALA D 154 47.99 12.84 2.92
C ALA D 154 49.18 12.21 3.63
N ASN D 155 49.10 12.07 4.96
CA ASN D 155 49.96 11.17 5.75
C ASN D 155 49.16 9.89 6.01
N CYS D 156 49.46 8.81 5.29
CA CYS D 156 48.76 7.49 5.36
C CYS D 156 48.79 6.92 6.79
N LYS D 157 49.88 7.15 7.52
CA LYS D 157 50.09 6.59 8.88
C LYS D 157 49.12 7.24 9.88
N VAL D 158 48.89 8.55 9.71
CA VAL D 158 47.91 9.35 10.50
C VAL D 158 46.49 8.87 10.17
N GLU D 159 46.20 8.67 8.88
CA GLU D 159 44.86 8.23 8.40
C GLU D 159 44.50 6.89 9.07
N SER D 160 45.34 5.86 8.89
CA SER D 160 45.14 4.49 9.45
C SER D 160 45.04 4.52 10.99
N LEU D 161 45.85 5.31 11.69
CA LEU D 161 45.81 5.42 13.17
C LEU D 161 44.53 6.14 13.62
N ALA D 162 44.04 7.13 12.86
CA ALA D 162 42.76 7.82 13.16
C ALA D 162 41.59 6.83 12.99
N MET D 163 41.62 6.04 11.92
CA MET D 163 40.59 5.00 11.66
C MET D 163 40.65 3.96 12.80
N PHE D 164 41.86 3.54 13.18
CA PHE D 164 42.10 2.60 14.31
C PHE D 164 41.38 3.10 15.57
N LEU D 165 41.62 4.36 15.94
CA LEU D 165 41.10 4.99 17.19
C LEU D 165 39.59 5.21 17.11
N GLY D 166 39.07 5.61 15.93
CA GLY D 166 37.62 5.75 15.69
C GLY D 166 36.91 4.41 15.89
N GLU D 167 37.51 3.33 15.38
CA GLU D 167 36.96 1.95 15.48
C GLU D 167 37.01 1.48 16.95
N LEU D 168 37.99 1.91 17.73
CA LEU D 168 38.08 1.57 19.18
C LEU D 168 36.91 2.19 19.95
N SER D 169 36.44 3.38 19.55
CA SER D 169 35.29 4.09 20.18
C SER D 169 33.98 3.28 20.09
N LEU D 170 33.84 2.40 19.10
CA LEU D 170 32.60 1.62 18.83
C LEU D 170 32.36 0.57 19.93
N ILE D 171 33.40 0.13 20.64
CA ILE D 171 33.34 -1.03 21.59
C ILE D 171 32.66 -0.59 22.89
N ASP D 172 33.00 0.61 23.38
CA ASP D 172 32.70 1.09 24.76
C ASP D 172 31.56 2.13 24.73
N ALA D 173 30.32 1.64 24.77
CA ALA D 173 29.08 2.47 24.89
C ALA D 173 29.30 3.55 25.95
N ASP D 174 29.69 3.14 27.17
CA ASP D 174 30.24 4.03 28.23
C ASP D 174 31.75 4.12 27.99
N PRO D 175 32.33 5.28 27.60
CA PRO D 175 31.63 6.56 27.57
C PRO D 175 31.13 7.14 26.22
N TYR D 176 31.34 6.46 25.08
CA TYR D 176 31.33 7.13 23.74
C TYR D 176 29.92 7.45 23.25
N LEU D 177 28.86 6.96 23.88
CA LEU D 177 27.47 7.22 23.41
C LEU D 177 27.08 8.69 23.61
N LYS D 178 27.76 9.44 24.48
CA LYS D 178 27.40 10.83 24.82
C LYS D 178 28.27 11.83 24.04
N TYR D 179 28.90 11.39 22.95
CA TYR D 179 29.62 12.23 21.96
C TYR D 179 29.09 11.95 20.55
N LEU D 180 28.90 13.03 19.79
CA LEU D 180 28.51 13.00 18.36
C LEU D 180 29.67 12.44 17.52
N PRO D 181 29.36 11.75 16.41
CA PRO D 181 30.39 11.27 15.49
C PRO D 181 31.44 12.34 15.13
N SER D 182 31.03 13.56 14.78
CA SER D 182 31.96 14.65 14.36
C SER D 182 32.99 14.92 15.47
N VAL D 183 32.60 14.83 16.75
CA VAL D 183 33.49 15.11 17.92
C VAL D 183 34.52 13.96 18.08
N ILE D 184 34.09 12.71 18.01
CA ILE D 184 35.01 11.56 18.16
C ILE D 184 36.03 11.61 17.02
N ALA D 185 35.62 12.00 15.82
CA ALA D 185 36.47 12.10 14.62
C ALA D 185 37.54 13.18 14.86
N GLY D 186 37.15 14.32 15.42
CA GLY D 186 38.05 15.43 15.81
C GLY D 186 39.09 14.97 16.81
N ALA D 187 38.63 14.35 17.91
CA ALA D 187 39.49 13.78 18.98
C ALA D 187 40.44 12.72 18.41
N ALA D 188 39.96 11.88 17.50
CA ALA D 188 40.72 10.74 16.92
C ALA D 188 41.80 11.27 15.97
N PHE D 189 41.47 12.25 15.14
CA PHE D 189 42.40 12.84 14.15
C PHE D 189 43.54 13.60 14.86
N HIS D 190 43.21 14.47 15.83
CA HIS D 190 44.21 15.21 16.63
C HIS D 190 45.13 14.22 17.37
N LEU D 191 44.59 13.14 17.93
CA LEU D 191 45.39 12.13 18.69
C LEU D 191 46.36 11.43 17.72
N ALA D 192 45.87 10.99 16.55
CA ALA D 192 46.67 10.38 15.46
C ALA D 192 47.77 11.34 14.99
N LEU D 193 47.41 12.58 14.71
CA LEU D 193 48.31 13.63 14.18
C LEU D 193 49.45 13.90 15.17
N TYR D 194 49.13 13.98 16.47
CA TYR D 194 50.09 14.31 17.55
C TYR D 194 51.05 13.13 17.75
N THR D 195 50.60 11.88 17.73
CA THR D 195 51.48 10.70 18.01
C THR D 195 52.48 10.47 16.86
N VAL D 196 52.10 10.75 15.61
CA VAL D 196 52.91 10.42 14.40
C VAL D 196 53.86 11.58 14.05
N THR D 197 53.41 12.84 14.15
CA THR D 197 54.11 14.03 13.59
C THR D 197 54.38 15.11 14.66
N GLY D 198 53.70 15.06 15.82
CA GLY D 198 53.82 16.05 16.90
C GLY D 198 52.95 17.29 16.68
N GLN D 199 52.16 17.31 15.61
CA GLN D 199 51.32 18.48 15.19
C GLN D 199 49.96 18.40 15.89
N SER D 200 49.20 19.49 15.86
CA SER D 200 47.91 19.65 16.58
C SER D 200 46.76 19.93 15.61
N TRP D 201 45.53 19.73 16.07
CA TRP D 201 44.24 20.07 15.40
C TRP D 201 44.41 21.38 14.64
N PRO D 202 44.47 21.37 13.29
CA PRO D 202 44.88 22.55 12.53
C PRO D 202 43.84 23.69 12.41
N GLU D 203 44.32 24.90 12.10
CA GLU D 203 43.51 26.15 12.01
C GLU D 203 42.37 25.98 10.98
N SER D 204 42.63 25.36 9.82
CA SER D 204 41.62 25.15 8.75
C SER D 204 40.44 24.30 9.26
N LEU D 205 40.70 23.24 10.03
CA LEU D 205 39.64 22.35 10.58
C LEU D 205 38.91 23.01 11.77
N ILE D 206 39.52 24.01 12.43
CA ILE D 206 38.85 24.89 13.43
C ILE D 206 37.86 25.82 12.71
N ARG D 207 38.25 26.37 11.55
CA ARG D 207 37.39 27.24 10.71
C ARG D 207 36.22 26.42 10.14
N LYS D 208 36.50 25.19 9.68
CA LYS D 208 35.52 24.28 9.03
C LYS D 208 34.44 23.84 10.02
N THR D 209 34.84 23.30 11.17
CA THR D 209 33.97 22.60 12.16
C THR D 209 33.44 23.57 13.23
N GLY D 210 34.14 24.70 13.43
CA GLY D 210 33.90 25.64 14.55
C GLY D 210 34.30 25.04 15.90
N TYR D 211 34.94 23.87 15.92
CA TYR D 211 35.48 23.20 17.13
C TYR D 211 36.90 23.72 17.43
N THR D 212 37.09 24.25 18.64
CA THR D 212 38.43 24.52 19.25
C THR D 212 38.96 23.20 19.82
N LEU D 213 40.20 23.20 20.30
CA LEU D 213 40.83 22.04 20.99
C LEU D 213 40.30 21.97 22.43
N GLU D 214 39.81 23.09 22.98
CA GLU D 214 39.13 23.12 24.30
C GLU D 214 37.84 22.28 24.20
N SER D 215 37.02 22.49 23.17
CA SER D 215 35.73 21.78 22.97
C SER D 215 35.96 20.27 22.81
N LEU D 216 37.09 19.87 22.20
CA LEU D 216 37.44 18.45 21.92
C LEU D 216 38.01 17.77 23.18
N LYS D 217 38.30 18.52 24.25
CA LYS D 217 39.11 18.04 25.40
C LYS D 217 38.40 16.87 26.08
N PRO D 218 37.14 17.01 26.58
CA PRO D 218 36.45 15.90 27.24
C PRO D 218 36.60 14.57 26.49
N CYS D 219 36.32 14.58 25.18
CA CYS D 219 36.33 13.37 24.32
C CYS D 219 37.77 12.90 24.09
N LEU D 220 38.71 13.85 23.95
CA LEU D 220 40.14 13.55 23.63
C LEU D 220 40.76 12.80 24.81
N MET D 221 40.37 13.16 26.03
CA MET D 221 40.90 12.58 27.30
C MET D 221 40.34 11.16 27.52
N ASP D 222 39.09 10.89 27.14
CA ASP D 222 38.49 9.53 27.20
C ASP D 222 39.21 8.61 26.19
N LEU D 223 39.45 9.12 24.98
CA LEU D 223 40.07 8.37 23.85
C LEU D 223 41.57 8.12 24.10
N HIS D 224 42.24 9.03 24.81
CA HIS D 224 43.66 8.85 25.22
C HIS D 224 43.79 7.66 26.18
N GLN D 225 42.82 7.46 27.08
CA GLN D 225 42.82 6.38 28.11
C GLN D 225 42.54 5.02 27.45
N THR D 226 41.52 4.93 26.60
CA THR D 226 41.19 3.72 25.80
C THR D 226 42.44 3.28 25.03
N TYR D 227 43.15 4.24 24.40
CA TYR D 227 44.37 4.00 23.57
C TYR D 227 45.52 3.51 24.46
N LEU D 228 45.70 4.11 25.63
CA LEU D 228 46.77 3.72 26.59
C LEU D 228 46.56 2.26 27.03
N LYS D 229 45.31 1.84 27.31
CA LYS D 229 45.03 0.50 27.91
C LYS D 229 44.24 -0.40 26.94
N ALA D 230 44.30 -0.13 25.65
CA ALA D 230 43.83 -1.01 24.55
C ALA D 230 44.57 -2.35 24.56
N PRO D 231 45.88 -2.41 24.88
CA PRO D 231 46.58 -3.67 25.14
C PRO D 231 45.95 -4.65 26.16
N GLN D 232 45.21 -4.14 27.15
CA GLN D 232 44.67 -4.92 28.31
C GLN D 232 43.16 -5.23 28.11
N HIS D 233 42.51 -4.64 27.09
CA HIS D 233 41.04 -4.74 26.84
C HIS D 233 40.66 -6.20 26.56
N ALA D 234 39.48 -6.63 27.02
CA ALA D 234 38.97 -8.00 26.85
C ALA D 234 38.74 -8.30 25.35
N GLN D 235 38.27 -7.30 24.60
CA GLN D 235 38.06 -7.35 23.13
C GLN D 235 39.35 -6.91 22.44
N GLN D 236 39.81 -7.65 21.43
CA GLN D 236 41.17 -7.48 20.82
C GLN D 236 41.13 -7.56 19.29
N SER D 237 39.96 -7.72 18.66
CA SER D 237 39.86 -8.01 17.20
C SER D 237 40.37 -6.80 16.40
N ILE D 238 40.11 -5.58 16.89
CA ILE D 238 40.51 -4.32 16.20
C ILE D 238 42.03 -4.21 16.18
N ARG D 239 42.71 -4.39 17.31
CA ARG D 239 44.19 -4.33 17.39
C ARG D 239 44.81 -5.35 16.43
N GLU D 240 44.30 -6.58 16.45
CA GLU D 240 44.67 -7.67 15.52
C GLU D 240 44.56 -7.15 14.08
N LYS D 241 43.40 -6.58 13.74
CA LYS D 241 43.08 -6.07 12.39
C LYS D 241 44.18 -5.13 11.91
N TYR D 242 44.52 -4.13 12.72
CA TYR D 242 45.34 -2.94 12.34
C TYR D 242 46.84 -3.18 12.55
N LYS D 243 47.25 -4.42 12.86
CA LYS D 243 48.67 -4.85 12.87
C LYS D 243 49.12 -5.07 11.42
N ASN D 244 48.16 -5.31 10.52
CA ASN D 244 48.41 -5.70 9.12
C ASN D 244 49.03 -4.54 8.33
N SER D 245 49.77 -4.84 7.26
CA SER D 245 50.46 -3.86 6.37
C SER D 245 49.46 -3.05 5.54
N LYS D 246 48.25 -3.57 5.34
CA LYS D 246 47.11 -2.86 4.70
C LYS D 246 46.85 -1.56 5.46
N TYR D 247 46.97 -1.59 6.79
CA TYR D 247 46.70 -0.45 7.72
C TYR D 247 48.01 0.06 8.33
N HIS D 248 49.13 -0.26 7.69
CA HIS D 248 50.48 0.32 7.95
C HIS D 248 51.02 -0.09 9.32
N GLY D 249 50.40 -1.07 9.98
CA GLY D 249 50.87 -1.65 11.26
C GLY D 249 50.76 -0.66 12.41
N VAL D 250 49.72 0.18 12.39
CA VAL D 250 49.57 1.37 13.28
C VAL D 250 49.21 0.96 14.72
N SER D 251 48.69 -0.26 14.92
CA SER D 251 48.36 -0.76 16.29
C SER D 251 49.65 -1.10 17.05
N LEU D 252 50.77 -1.29 16.36
CA LEU D 252 52.10 -1.60 16.95
C LEU D 252 52.73 -0.34 17.57
N LEU D 253 52.35 0.85 17.11
CA LEU D 253 52.90 2.14 17.61
C LEU D 253 52.60 2.30 19.10
N ASN D 254 53.59 2.73 19.89
CA ASN D 254 53.43 3.12 21.32
C ASN D 254 52.56 4.37 21.37
N PRO D 255 51.55 4.44 22.25
CA PRO D 255 50.81 5.69 22.46
C PRO D 255 51.71 6.71 23.17
N PRO D 256 51.37 8.02 23.13
CA PRO D 256 52.11 9.04 23.89
C PRO D 256 51.70 9.01 25.38
N GLU D 257 52.61 9.39 26.28
CA GLU D 257 52.38 9.36 27.76
C GLU D 257 51.48 10.55 28.15
N THR D 258 51.81 11.75 27.68
CA THR D 258 51.08 13.01 27.97
C THR D 258 50.68 13.67 26.65
N LEU D 259 49.80 14.68 26.71
CA LEU D 259 49.27 15.40 25.51
C LEU D 259 49.66 16.88 25.52
N ASN D 260 50.22 17.39 26.64
CA ASN D 260 50.72 18.79 26.80
C ASN D 260 52.11 18.76 27.44
#